data_2EOU
#
_entry.id   2EOU
#
loop_
_entity.id
_entity.type
_entity.pdbx_description
1 polymer 'Zinc finger protein 473'
2 non-polymer 'ZINC ION'
#
_entity_poly.entity_id   1
_entity_poly.type   'polypeptide(L)'
_entity_poly.pdbx_seq_one_letter_code
;GSSGSSGAAKTTSECQECGKIFRHSSLLIEHQALHAGESGPSSG
;
_entity_poly.pdbx_strand_id   A
#
loop_
_chem_comp.id
_chem_comp.type
_chem_comp.name
_chem_comp.formula
ZN non-polymer 'ZINC ION' 'Zn 2'
#
# COMPACT_ATOMS: atom_id res chain seq x y z
N GLY A 1 12.54 6.44 -4.97
CA GLY A 1 13.01 5.36 -4.13
C GLY A 1 12.84 5.66 -2.65
N SER A 2 11.88 4.98 -2.02
CA SER A 2 11.61 5.19 -0.60
C SER A 2 11.64 6.66 -0.24
N SER A 3 11.07 7.49 -1.12
CA SER A 3 11.04 8.93 -0.90
C SER A 3 9.78 9.34 -0.13
N GLY A 4 9.94 10.27 0.80
CA GLY A 4 8.81 10.73 1.58
C GLY A 4 7.99 9.58 2.13
N SER A 5 8.61 8.73 2.95
CA SER A 5 7.93 7.59 3.54
C SER A 5 7.18 7.99 4.80
N SER A 6 6.43 9.09 4.72
CA SER A 6 5.67 9.59 5.86
C SER A 6 4.24 9.92 5.46
N GLY A 7 4.09 10.60 4.32
CA GLY A 7 2.77 10.97 3.84
C GLY A 7 2.49 12.45 3.99
N ALA A 8 1.53 12.78 4.85
CA ALA A 8 1.17 14.18 5.08
C ALA A 8 1.35 14.55 6.55
N ALA A 9 2.46 14.14 7.13
CA ALA A 9 2.75 14.43 8.54
C ALA A 9 1.60 13.98 9.43
N LYS A 10 1.07 12.80 9.16
CA LYS A 10 -0.02 12.24 9.94
C LYS A 10 -0.22 10.76 9.64
N THR A 11 -0.54 9.98 10.67
CA THR A 11 -0.75 8.55 10.52
C THR A 11 -1.79 8.26 9.44
N THR A 12 -1.38 7.52 8.42
CA THR A 12 -2.27 7.18 7.31
C THR A 12 -2.19 5.70 6.99
N SER A 13 -3.16 5.21 6.21
CA SER A 13 -3.19 3.81 5.83
C SER A 13 -2.33 3.56 4.59
N GLU A 14 -1.05 3.83 4.71
CA GLU A 14 -0.12 3.64 3.60
C GLU A 14 0.34 2.19 3.52
N CYS A 15 0.40 1.66 2.31
CA CYS A 15 0.83 0.28 2.09
C CYS A 15 2.33 0.13 2.30
N GLN A 16 2.71 -0.49 3.42
CA GLN A 16 4.12 -0.70 3.73
C GLN A 16 4.77 -1.68 2.76
N GLU A 17 3.93 -2.41 2.02
CA GLU A 17 4.41 -3.39 1.05
C GLU A 17 5.01 -2.70 -0.16
N CYS A 18 4.32 -1.67 -0.66
CA CYS A 18 4.78 -0.92 -1.81
C CYS A 18 5.00 0.55 -1.47
N GLY A 19 4.06 1.13 -0.73
CA GLY A 19 4.18 2.51 -0.34
C GLY A 19 3.09 3.38 -0.95
N LYS A 20 1.86 2.89 -0.90
CA LYS A 20 0.73 3.63 -1.45
C LYS A 20 -0.17 4.17 -0.35
N ILE A 21 -0.28 5.49 -0.27
CA ILE A 21 -1.11 6.13 0.75
C ILE A 21 -2.59 6.04 0.37
N PHE A 22 -3.41 5.65 1.35
CA PHE A 22 -4.84 5.53 1.12
C PHE A 22 -5.63 6.32 2.17
N ARG A 23 -6.59 7.11 1.71
CA ARG A 23 -7.41 7.92 2.60
C ARG A 23 -7.85 7.11 3.82
N HIS A 24 -8.74 6.15 3.59
CA HIS A 24 -9.24 5.31 4.67
C HIS A 24 -8.71 3.88 4.53
N SER A 25 -8.49 3.23 5.66
CA SER A 25 -7.99 1.85 5.67
C SER A 25 -8.65 1.03 4.56
N SER A 26 -9.97 1.04 4.53
CA SER A 26 -10.72 0.29 3.54
C SER A 26 -9.98 0.28 2.20
N LEU A 27 -9.77 1.46 1.63
CA LEU A 27 -9.08 1.58 0.36
C LEU A 27 -7.84 0.70 0.32
N LEU A 28 -7.04 0.77 1.38
CA LEU A 28 -5.82 -0.03 1.47
C LEU A 28 -6.16 -1.51 1.59
N ILE A 29 -7.26 -1.82 2.26
CA ILE A 29 -7.68 -3.20 2.44
C ILE A 29 -7.89 -3.89 1.09
N GLU A 30 -8.54 -3.18 0.17
CA GLU A 30 -8.82 -3.73 -1.16
C GLU A 30 -7.54 -3.75 -2.00
N HIS A 31 -6.67 -2.77 -1.78
CA HIS A 31 -5.42 -2.69 -2.52
C HIS A 31 -4.49 -3.84 -2.15
N GLN A 32 -4.33 -4.07 -0.85
CA GLN A 32 -3.47 -5.14 -0.36
C GLN A 32 -3.82 -6.47 -1.03
N ALA A 33 -5.11 -6.74 -1.15
CA ALA A 33 -5.57 -7.98 -1.78
C ALA A 33 -4.80 -8.26 -3.06
N LEU A 34 -4.55 -7.22 -3.84
CA LEU A 34 -3.83 -7.36 -5.10
C LEU A 34 -2.48 -8.03 -4.88
N HIS A 35 -1.80 -7.63 -3.79
CA HIS A 35 -0.50 -8.20 -3.47
C HIS A 35 -0.59 -9.70 -3.25
N ALA A 36 -1.55 -10.12 -2.42
CA ALA A 36 -1.75 -11.53 -2.12
C ALA A 36 -1.44 -12.39 -3.35
N GLY A 37 -0.27 -12.99 -3.37
CA GLY A 37 0.11 -13.84 -4.49
C GLY A 37 1.61 -14.03 -4.59
N GLU A 38 2.34 -12.92 -4.74
CA GLU A 38 3.79 -12.98 -4.84
C GLU A 38 4.43 -13.05 -3.47
N SER A 39 5.76 -13.24 -3.45
CA SER A 39 6.49 -13.33 -2.20
C SER A 39 7.21 -12.01 -1.90
N GLY A 40 6.96 -11.47 -0.71
CA GLY A 40 7.59 -10.22 -0.32
C GLY A 40 9.04 -10.41 0.08
N PRO A 41 9.83 -9.32 -0.01
CA PRO A 41 11.25 -9.34 0.34
C PRO A 41 11.48 -9.49 1.84
N SER A 42 11.59 -10.74 2.29
CA SER A 42 11.80 -11.01 3.72
C SER A 42 12.97 -10.19 4.26
N SER A 43 12.65 -9.22 5.11
CA SER A 43 13.67 -8.36 5.69
C SER A 43 14.10 -8.89 7.06
N GLY A 44 13.13 -9.10 7.94
CA GLY A 44 13.43 -9.60 9.27
C GLY A 44 12.87 -8.71 10.36
ZN ZN B . 0.63 -2.19 -1.88
N GLY A 1 13.13 13.55 -10.23
CA GLY A 1 12.62 12.25 -9.85
C GLY A 1 11.57 12.32 -8.76
N SER A 2 10.99 11.18 -8.42
CA SER A 2 9.97 11.11 -7.39
C SER A 2 10.48 11.68 -6.07
N SER A 3 9.74 12.63 -5.51
CA SER A 3 10.13 13.25 -4.25
C SER A 3 9.83 12.33 -3.08
N GLY A 4 10.40 12.64 -1.92
CA GLY A 4 10.20 11.84 -0.74
C GLY A 4 9.02 12.32 0.10
N SER A 5 9.13 12.18 1.41
CA SER A 5 8.08 12.61 2.33
C SER A 5 6.70 12.30 1.73
N SER A 6 6.56 11.12 1.14
CA SER A 6 5.31 10.72 0.54
C SER A 6 4.20 10.63 1.58
N GLY A 7 4.44 9.81 2.60
CA GLY A 7 3.45 9.65 3.66
C GLY A 7 3.99 8.84 4.82
N ALA A 8 4.76 9.49 5.68
CA ALA A 8 5.34 8.83 6.85
C ALA A 8 4.90 9.50 8.14
N ALA A 9 5.04 10.82 8.20
CA ALA A 9 4.66 11.59 9.37
C ALA A 9 3.27 11.21 9.85
N LYS A 10 2.30 11.29 8.94
CA LYS A 10 0.91 10.95 9.26
C LYS A 10 0.73 9.44 9.36
N THR A 11 -0.22 9.01 10.19
CA THR A 11 -0.49 7.59 10.37
C THR A 11 -1.55 7.11 9.38
N THR A 12 -1.53 7.66 8.17
CA THR A 12 -2.48 7.28 7.14
C THR A 12 -2.39 5.79 6.82
N SER A 13 -3.40 5.28 6.12
CA SER A 13 -3.43 3.86 5.76
C SER A 13 -2.56 3.60 4.55
N GLU A 14 -1.26 3.90 4.68
CA GLU A 14 -0.32 3.69 3.60
C GLU A 14 0.13 2.23 3.53
N CYS A 15 0.24 1.70 2.32
CA CYS A 15 0.66 0.32 2.12
C CYS A 15 2.16 0.17 2.31
N GLN A 16 2.58 -0.12 3.53
CA GLN A 16 3.98 -0.28 3.85
C GLN A 16 4.66 -1.24 2.87
N GLU A 17 3.84 -2.05 2.20
CA GLU A 17 4.36 -3.01 1.23
C GLU A 17 5.01 -2.30 0.04
N CYS A 18 4.25 -1.43 -0.61
CA CYS A 18 4.75 -0.68 -1.75
C CYS A 18 4.94 0.79 -1.41
N GLY A 19 3.99 1.35 -0.64
CA GLY A 19 4.07 2.74 -0.25
C GLY A 19 2.96 3.57 -0.86
N LYS A 20 1.77 3.00 -0.94
CA LYS A 20 0.62 3.71 -1.49
C LYS A 20 -0.29 4.22 -0.39
N ILE A 21 -0.43 5.54 -0.31
CA ILE A 21 -1.27 6.16 0.70
C ILE A 21 -2.74 6.10 0.30
N PHE A 22 -3.59 5.71 1.25
CA PHE A 22 -5.02 5.62 1.00
C PHE A 22 -5.82 6.42 2.03
N ARG A 23 -6.79 7.18 1.55
CA ARG A 23 -7.63 7.99 2.43
C ARG A 23 -8.07 7.20 3.66
N HIS A 24 -8.96 6.23 3.44
CA HIS A 24 -9.46 5.39 4.52
C HIS A 24 -8.92 3.97 4.42
N SER A 25 -8.62 3.37 5.56
CA SER A 25 -8.09 2.01 5.60
C SER A 25 -8.72 1.15 4.52
N SER A 26 -10.05 1.12 4.50
CA SER A 26 -10.78 0.33 3.51
C SER A 26 -10.05 0.31 2.18
N LEU A 27 -9.77 1.49 1.64
CA LEU A 27 -9.07 1.61 0.37
C LEU A 27 -7.82 0.74 0.35
N LEU A 28 -7.03 0.82 1.41
CA LEU A 28 -5.81 0.03 1.51
C LEU A 28 -6.12 -1.45 1.64
N ILE A 29 -7.23 -1.76 2.31
CA ILE A 29 -7.64 -3.15 2.49
C ILE A 29 -7.88 -3.83 1.15
N GLU A 30 -8.53 -3.12 0.23
CA GLU A 30 -8.81 -3.66 -1.10
C GLU A 30 -7.54 -3.73 -1.95
N HIS A 31 -6.66 -2.75 -1.75
CA HIS A 31 -5.41 -2.70 -2.49
C HIS A 31 -4.47 -3.82 -2.06
N GLN A 32 -4.36 -4.02 -0.75
CA GLN A 32 -3.49 -5.06 -0.21
C GLN A 32 -3.75 -6.40 -0.90
N ALA A 33 -5.02 -6.74 -1.07
CA ALA A 33 -5.41 -7.99 -1.71
C ALA A 33 -4.54 -8.26 -2.94
N LEU A 34 -4.25 -7.19 -3.69
CA LEU A 34 -3.44 -7.31 -4.90
C LEU A 34 -2.11 -7.99 -4.60
N HIS A 35 -1.50 -7.62 -3.47
CA HIS A 35 -0.22 -8.19 -3.07
C HIS A 35 -0.37 -9.68 -2.77
N ALA A 36 -1.37 -10.04 -1.97
CA ALA A 36 -1.61 -11.42 -1.62
C ALA A 36 -1.74 -12.29 -2.85
N GLY A 37 -2.55 -11.84 -3.81
CA GLY A 37 -2.75 -12.59 -5.04
C GLY A 37 -1.48 -12.67 -5.88
N GLU A 38 -0.85 -11.53 -6.11
CA GLU A 38 0.37 -11.47 -6.89
C GLU A 38 1.61 -11.59 -6.00
N SER A 39 1.98 -12.81 -5.68
CA SER A 39 3.14 -13.07 -4.83
C SER A 39 4.24 -13.78 -5.61
N GLY A 40 5.42 -13.85 -5.02
CA GLY A 40 6.54 -14.51 -5.67
C GLY A 40 6.75 -15.92 -5.16
N PRO A 41 7.20 -16.81 -6.06
CA PRO A 41 7.45 -18.22 -5.72
C PRO A 41 8.66 -18.39 -4.80
N SER A 42 9.61 -17.46 -4.91
CA SER A 42 10.82 -17.51 -4.09
C SER A 42 10.71 -16.55 -2.91
N SER A 43 11.57 -16.75 -1.91
CA SER A 43 11.57 -15.90 -0.73
C SER A 43 10.17 -15.78 -0.14
N GLY A 44 9.45 -16.90 -0.11
CA GLY A 44 8.10 -16.90 0.43
C GLY A 44 7.05 -16.70 -0.66
ZN ZN B . 0.76 -2.16 -1.79
N GLY A 1 16.57 16.87 -5.86
CA GLY A 1 15.57 16.55 -4.86
C GLY A 1 14.25 16.11 -5.47
N SER A 2 13.32 15.67 -4.63
CA SER A 2 12.02 15.21 -5.11
C SER A 2 11.11 16.40 -5.42
N SER A 3 11.08 16.79 -6.69
CA SER A 3 10.26 17.90 -7.13
C SER A 3 8.79 17.50 -7.21
N GLY A 4 7.97 18.10 -6.35
CA GLY A 4 6.56 17.80 -6.33
C GLY A 4 6.27 16.37 -5.89
N SER A 5 6.75 16.02 -4.70
CA SER A 5 6.55 14.67 -4.17
C SER A 5 5.94 14.72 -2.77
N SER A 6 4.62 14.64 -2.70
CA SER A 6 3.92 14.69 -1.43
C SER A 6 3.30 13.33 -1.11
N GLY A 7 4.09 12.45 -0.49
CA GLY A 7 3.61 11.13 -0.14
C GLY A 7 4.24 10.60 1.13
N ALA A 8 4.33 11.46 2.15
CA ALA A 8 4.92 11.08 3.42
C ALA A 8 3.95 11.33 4.57
N ALA A 9 3.16 10.31 4.90
CA ALA A 9 2.18 10.43 5.98
C ALA A 9 2.55 9.51 7.15
N LYS A 10 2.05 9.83 8.33
CA LYS A 10 2.30 9.03 9.52
C LYS A 10 1.01 8.57 10.17
N THR A 11 -0.09 9.23 9.82
CA THR A 11 -1.41 8.89 10.36
C THR A 11 -2.39 8.57 9.25
N THR A 12 -1.89 7.97 8.18
CA THR A 12 -2.74 7.60 7.05
C THR A 12 -2.57 6.13 6.68
N SER A 13 -3.62 5.55 6.12
CA SER A 13 -3.59 4.14 5.72
C SER A 13 -2.68 3.93 4.51
N GLU A 14 -1.37 3.93 4.76
CA GLU A 14 -0.40 3.73 3.69
C GLU A 14 0.08 2.29 3.64
N CYS A 15 0.34 1.80 2.43
CA CYS A 15 0.81 0.44 2.23
C CYS A 15 2.32 0.35 2.40
N GLN A 16 2.76 -0.28 3.48
CA GLN A 16 4.18 -0.45 3.76
C GLN A 16 4.83 -1.38 2.74
N GLU A 17 4.01 -2.18 2.07
CA GLU A 17 4.51 -3.11 1.07
C GLU A 17 5.08 -2.38 -0.13
N CYS A 18 4.32 -1.43 -0.66
CA CYS A 18 4.75 -0.65 -1.82
C CYS A 18 4.94 0.81 -1.44
N GLY A 19 4.02 1.34 -0.64
CA GLY A 19 4.10 2.72 -0.23
C GLY A 19 3.00 3.58 -0.82
N LYS A 20 1.80 3.01 -0.90
CA LYS A 20 0.65 3.72 -1.45
C LYS A 20 -0.25 4.24 -0.33
N ILE A 21 -0.45 5.55 -0.30
CA ILE A 21 -1.29 6.18 0.72
C ILE A 21 -2.76 6.11 0.32
N PHE A 22 -3.61 5.66 1.25
CA PHE A 22 -5.03 5.55 1.00
C PHE A 22 -5.83 6.35 2.02
N ARG A 23 -6.80 7.12 1.53
CA ARG A 23 -7.63 7.94 2.41
C ARG A 23 -8.08 7.15 3.63
N HIS A 24 -8.97 6.18 3.42
CA HIS A 24 -9.48 5.35 4.51
C HIS A 24 -8.94 3.94 4.40
N SER A 25 -8.60 3.35 5.56
CA SER A 25 -8.07 1.99 5.59
C SER A 25 -8.70 1.12 4.52
N SER A 26 -10.05 1.12 4.49
CA SER A 26 -10.79 0.32 3.51
C SER A 26 -10.04 0.28 2.18
N LEU A 27 -9.78 1.46 1.62
CA LEU A 27 -9.08 1.56 0.34
C LEU A 27 -7.82 0.69 0.34
N LEU A 28 -7.01 0.83 1.39
CA LEU A 28 -5.79 0.06 1.51
C LEU A 28 -6.09 -1.43 1.65
N ILE A 29 -7.19 -1.75 2.33
CA ILE A 29 -7.58 -3.13 2.53
C ILE A 29 -7.82 -3.84 1.20
N GLU A 30 -8.48 -3.15 0.29
CA GLU A 30 -8.78 -3.71 -1.03
C GLU A 30 -7.52 -3.77 -1.89
N HIS A 31 -6.64 -2.78 -1.70
CA HIS A 31 -5.40 -2.71 -2.47
C HIS A 31 -4.45 -3.82 -2.06
N GLN A 32 -4.25 -3.98 -0.74
CA GLN A 32 -3.37 -5.02 -0.23
C GLN A 32 -3.68 -6.37 -0.85
N ALA A 33 -4.97 -6.68 -0.97
CA ALA A 33 -5.40 -7.94 -1.56
C ALA A 33 -4.62 -8.25 -2.83
N LEU A 34 -4.33 -7.21 -3.61
CA LEU A 34 -3.59 -7.37 -4.86
C LEU A 34 -2.23 -8.01 -4.60
N HIS A 35 -1.56 -7.56 -3.54
CA HIS A 35 -0.25 -8.08 -3.19
C HIS A 35 -0.32 -9.59 -2.91
N ALA A 36 -1.17 -9.97 -1.98
CA ALA A 36 -1.34 -11.37 -1.62
C ALA A 36 -1.64 -12.22 -2.85
N GLY A 37 -0.66 -13.00 -3.28
CA GLY A 37 -0.83 -13.86 -4.45
C GLY A 37 0.24 -13.62 -5.50
N GLU A 38 1.49 -13.87 -5.13
CA GLU A 38 2.60 -13.68 -6.05
C GLU A 38 2.81 -14.92 -6.91
N SER A 39 1.70 -15.49 -7.38
CA SER A 39 1.76 -16.68 -8.23
C SER A 39 2.27 -16.34 -9.62
N GLY A 40 3.53 -16.69 -9.90
CA GLY A 40 4.10 -16.41 -11.20
C GLY A 40 4.38 -17.68 -11.99
N PRO A 41 5.28 -17.58 -12.97
CA PRO A 41 5.65 -18.71 -13.83
C PRO A 41 6.43 -19.78 -13.07
N SER A 42 7.30 -19.35 -12.16
CA SER A 42 8.11 -20.28 -11.37
C SER A 42 8.83 -21.27 -12.28
N SER A 43 9.42 -20.77 -13.36
CA SER A 43 10.14 -21.60 -14.30
C SER A 43 11.13 -22.51 -13.58
N GLY A 44 11.84 -21.94 -12.61
CA GLY A 44 12.81 -22.72 -11.85
C GLY A 44 13.92 -23.28 -12.73
ZN ZN B . 0.84 -2.08 -1.67
N GLY A 1 15.96 7.48 0.33
CA GLY A 1 16.19 8.28 -0.85
C GLY A 1 16.64 9.70 -0.50
N SER A 2 16.52 10.60 -1.46
CA SER A 2 16.91 11.99 -1.26
C SER A 2 15.69 12.89 -1.13
N SER A 3 14.74 12.73 -2.05
CA SER A 3 13.52 13.53 -2.04
C SER A 3 12.41 12.81 -1.28
N GLY A 4 11.82 13.52 -0.31
CA GLY A 4 10.75 12.94 0.48
C GLY A 4 9.43 13.66 0.29
N SER A 5 8.89 13.61 -0.92
CA SER A 5 7.62 14.27 -1.22
C SER A 5 6.45 13.43 -0.75
N SER A 6 6.47 12.15 -1.09
CA SER A 6 5.39 11.23 -0.70
C SER A 6 5.21 11.22 0.81
N GLY A 7 3.97 11.10 1.25
CA GLY A 7 3.68 11.08 2.67
C GLY A 7 3.45 12.47 3.24
N ALA A 8 2.37 13.11 2.82
CA ALA A 8 2.05 14.44 3.29
C ALA A 8 1.49 14.41 4.71
N ALA A 9 0.53 13.52 4.94
CA ALA A 9 -0.09 13.39 6.26
C ALA A 9 0.57 12.26 7.05
N LYS A 10 0.17 12.13 8.31
CA LYS A 10 0.72 11.10 9.19
C LYS A 10 -0.34 10.08 9.56
N THR A 11 0.07 9.02 10.26
CA THR A 11 -0.85 7.98 10.67
C THR A 11 -1.90 7.70 9.61
N THR A 12 -1.44 7.53 8.36
CA THR A 12 -2.34 7.26 7.25
C THR A 12 -2.27 5.80 6.82
N SER A 13 -3.37 5.29 6.27
CA SER A 13 -3.43 3.91 5.83
C SER A 13 -2.58 3.69 4.59
N GLU A 14 -1.26 3.79 4.76
CA GLU A 14 -0.33 3.61 3.65
C GLU A 14 0.17 2.17 3.60
N CYS A 15 0.40 1.68 2.39
CA CYS A 15 0.87 0.31 2.19
C CYS A 15 2.39 0.24 2.36
N GLN A 16 2.83 -0.39 3.44
CA GLN A 16 4.25 -0.53 3.71
C GLN A 16 4.91 -1.48 2.71
N GLU A 17 4.09 -2.29 2.04
CA GLU A 17 4.60 -3.25 1.07
C GLU A 17 5.17 -2.53 -0.14
N CYS A 18 4.40 -1.59 -0.69
CA CYS A 18 4.83 -0.83 -1.86
C CYS A 18 5.04 0.64 -1.51
N GLY A 19 4.12 1.19 -0.71
CA GLY A 19 4.21 2.58 -0.31
C GLY A 19 3.11 3.43 -0.90
N LYS A 20 1.90 2.88 -0.92
CA LYS A 20 0.74 3.60 -1.46
C LYS A 20 -0.14 4.13 -0.34
N ILE A 21 -0.31 5.46 -0.30
CA ILE A 21 -1.14 6.09 0.72
C ILE A 21 -2.61 6.01 0.35
N PHE A 22 -3.44 5.63 1.32
CA PHE A 22 -4.87 5.53 1.10
C PHE A 22 -5.64 6.34 2.13
N ARG A 23 -6.62 7.12 1.66
CA ARG A 23 -7.43 7.94 2.53
C ARG A 23 -7.86 7.18 3.77
N HIS A 24 -8.74 6.20 3.58
CA HIS A 24 -9.23 5.39 4.69
C HIS A 24 -8.75 3.93 4.55
N SER A 25 -8.45 3.31 5.68
CA SER A 25 -7.99 1.93 5.69
C SER A 25 -8.65 1.12 4.58
N SER A 26 -9.98 1.14 4.55
CA SER A 26 -10.73 0.41 3.55
C SER A 26 -9.99 0.40 2.21
N LEU A 27 -9.86 1.57 1.61
CA LEU A 27 -9.17 1.71 0.32
C LEU A 27 -7.92 0.84 0.29
N LEU A 28 -7.12 0.91 1.35
CA LEU A 28 -5.90 0.12 1.45
C LEU A 28 -6.21 -1.37 1.56
N ILE A 29 -7.27 -1.69 2.29
CA ILE A 29 -7.68 -3.07 2.49
C ILE A 29 -7.87 -3.77 1.15
N GLU A 30 -8.55 -3.11 0.22
CA GLU A 30 -8.80 -3.66 -1.10
C GLU A 30 -7.51 -3.73 -1.92
N HIS A 31 -6.64 -2.74 -1.72
CA HIS A 31 -5.37 -2.69 -2.43
C HIS A 31 -4.47 -3.84 -2.03
N GLN A 32 -4.28 -4.01 -0.73
CA GLN A 32 -3.44 -5.09 -0.21
C GLN A 32 -3.78 -6.42 -0.88
N ALA A 33 -5.06 -6.67 -1.07
CA ALA A 33 -5.52 -7.91 -1.70
C ALA A 33 -4.72 -8.19 -2.98
N LEU A 34 -4.49 -7.16 -3.76
CA LEU A 34 -3.73 -7.30 -5.01
C LEU A 34 -2.39 -7.99 -4.76
N HIS A 35 -1.73 -7.61 -3.68
CA HIS A 35 -0.44 -8.20 -3.33
C HIS A 35 -0.57 -9.70 -3.09
N ALA A 36 -1.40 -10.07 -2.13
CA ALA A 36 -1.61 -11.48 -1.81
C ALA A 36 -1.96 -12.28 -3.07
N GLY A 37 -0.96 -12.94 -3.63
CA GLY A 37 -1.18 -13.73 -4.83
C GLY A 37 -0.33 -14.99 -4.86
N GLU A 38 0.80 -14.93 -5.56
CA GLU A 38 1.69 -16.06 -5.66
C GLU A 38 2.76 -16.02 -4.57
N SER A 39 3.47 -14.90 -4.49
CA SER A 39 4.52 -14.73 -3.49
C SER A 39 4.08 -15.29 -2.14
N GLY A 40 4.62 -16.46 -1.80
CA GLY A 40 4.28 -17.09 -0.53
C GLY A 40 5.47 -17.76 0.12
N PRO A 41 5.90 -18.89 -0.44
CA PRO A 41 7.03 -19.66 0.08
C PRO A 41 8.37 -18.94 -0.13
N SER A 42 8.37 -17.99 -1.06
CA SER A 42 9.57 -17.23 -1.37
C SER A 42 9.72 -16.04 -0.43
N SER A 43 8.68 -15.23 -0.34
CA SER A 43 8.70 -14.05 0.52
C SER A 43 8.06 -14.36 1.87
N GLY A 44 8.37 -15.54 2.42
CA GLY A 44 7.81 -15.93 3.69
C GLY A 44 8.23 -17.33 4.10
ZN ZN B . 0.80 -2.19 -1.76
N GLY A 1 17.26 4.34 -8.04
CA GLY A 1 16.32 5.38 -7.62
C GLY A 1 15.76 6.16 -8.80
N SER A 2 14.46 6.40 -8.79
CA SER A 2 13.80 7.13 -9.87
C SER A 2 13.24 8.45 -9.35
N SER A 3 13.20 9.46 -10.23
CA SER A 3 12.69 10.77 -9.88
C SER A 3 11.28 10.66 -9.28
N GLY A 4 11.14 11.09 -8.04
CA GLY A 4 9.85 11.03 -7.37
C GLY A 4 9.94 11.28 -5.88
N SER A 5 8.81 11.21 -5.20
CA SER A 5 8.76 11.44 -3.76
C SER A 5 7.62 10.67 -3.11
N SER A 6 7.93 9.97 -2.02
CA SER A 6 6.92 9.18 -1.31
C SER A 6 6.17 10.03 -0.30
N GLY A 7 4.85 9.90 -0.27
CA GLY A 7 4.04 10.67 0.65
C GLY A 7 4.19 10.18 2.08
N ALA A 8 5.02 10.87 2.86
CA ALA A 8 5.26 10.50 4.25
C ALA A 8 4.00 10.71 5.09
N ALA A 9 3.15 9.69 5.13
CA ALA A 9 1.91 9.76 5.89
C ALA A 9 1.72 8.51 6.76
N LYS A 10 2.32 8.53 7.94
CA LYS A 10 2.23 7.40 8.86
C LYS A 10 0.83 7.30 9.45
N THR A 11 0.22 8.45 9.73
CA THR A 11 -1.11 8.50 10.30
C THR A 11 -2.16 8.03 9.29
N THR A 12 -1.81 8.11 8.01
CA THR A 12 -2.71 7.69 6.94
C THR A 12 -2.60 6.20 6.67
N SER A 13 -3.62 5.63 6.06
CA SER A 13 -3.63 4.20 5.74
C SER A 13 -2.76 3.90 4.54
N GLU A 14 -1.46 4.19 4.67
CA GLU A 14 -0.52 3.95 3.59
C GLU A 14 -0.01 2.51 3.61
N CYS A 15 0.26 1.96 2.44
CA CYS A 15 0.76 0.60 2.32
C CYS A 15 2.26 0.55 2.48
N GLN A 16 2.72 0.04 3.62
CA GLN A 16 4.16 -0.07 3.89
C GLN A 16 4.82 -1.05 2.93
N GLU A 17 4.01 -1.88 2.29
CA GLU A 17 4.52 -2.87 1.35
C GLU A 17 5.13 -2.20 0.13
N CYS A 18 4.37 -1.29 -0.48
CA CYS A 18 4.83 -0.57 -1.66
C CYS A 18 4.98 0.91 -1.38
N GLY A 19 4.06 1.45 -0.59
CA GLY A 19 4.10 2.87 -0.25
C GLY A 19 2.99 3.65 -0.90
N LYS A 20 1.80 3.08 -0.94
CA LYS A 20 0.65 3.74 -1.53
C LYS A 20 -0.29 4.28 -0.46
N ILE A 21 -0.42 5.61 -0.41
CA ILE A 21 -1.29 6.25 0.57
C ILE A 21 -2.75 6.11 0.18
N PHE A 22 -3.60 5.82 1.18
CA PHE A 22 -5.03 5.66 0.94
C PHE A 22 -5.83 6.50 1.91
N ARG A 23 -6.91 7.11 1.41
CA ARG A 23 -7.77 7.95 2.25
C ARG A 23 -8.19 7.20 3.51
N HIS A 24 -9.04 6.20 3.34
CA HIS A 24 -9.53 5.40 4.47
C HIS A 24 -9.00 3.97 4.39
N SER A 25 -8.68 3.41 5.55
CA SER A 25 -8.16 2.06 5.63
C SER A 25 -8.78 1.17 4.54
N SER A 26 -10.11 1.15 4.49
CA SER A 26 -10.83 0.35 3.50
C SER A 26 -10.07 0.33 2.18
N LEU A 27 -9.84 1.50 1.62
CA LEU A 27 -9.13 1.61 0.35
C LEU A 27 -7.85 0.76 0.35
N LEU A 28 -7.07 0.90 1.41
CA LEU A 28 -5.83 0.15 1.55
C LEU A 28 -6.11 -1.35 1.69
N ILE A 29 -7.18 -1.68 2.41
CA ILE A 29 -7.56 -3.06 2.62
C ILE A 29 -7.76 -3.79 1.30
N GLU A 30 -8.47 -3.14 0.37
CA GLU A 30 -8.72 -3.72 -0.94
C GLU A 30 -7.45 -3.76 -1.78
N HIS A 31 -6.58 -2.77 -1.58
CA HIS A 31 -5.33 -2.70 -2.32
C HIS A 31 -4.39 -3.83 -1.90
N GLN A 32 -4.23 -4.01 -0.60
CA GLN A 32 -3.35 -5.06 -0.07
C GLN A 32 -3.65 -6.39 -0.74
N ALA A 33 -4.94 -6.71 -0.86
CA ALA A 33 -5.36 -7.96 -1.48
C ALA A 33 -4.57 -8.23 -2.77
N LEU A 34 -4.32 -7.17 -3.53
CA LEU A 34 -3.58 -7.29 -4.79
C LEU A 34 -2.22 -7.94 -4.56
N HIS A 35 -1.55 -7.53 -3.49
CA HIS A 35 -0.24 -8.07 -3.16
C HIS A 35 -0.31 -9.58 -2.97
N ALA A 36 -1.14 -10.02 -2.04
CA ALA A 36 -1.31 -11.44 -1.76
C ALA A 36 -1.73 -12.20 -3.01
N GLY A 37 -2.80 -11.73 -3.64
CA GLY A 37 -3.30 -12.38 -4.85
C GLY A 37 -4.82 -12.37 -4.92
N GLU A 38 -5.36 -11.79 -5.99
CA GLU A 38 -6.80 -11.73 -6.18
C GLU A 38 -7.33 -13.04 -6.73
N SER A 39 -6.82 -13.43 -7.89
CA SER A 39 -7.26 -14.68 -8.54
C SER A 39 -6.68 -15.88 -7.82
N GLY A 40 -5.37 -15.87 -7.60
CA GLY A 40 -4.70 -16.97 -6.93
C GLY A 40 -3.27 -16.65 -6.56
N PRO A 41 -2.39 -16.59 -7.57
CA PRO A 41 -0.97 -16.29 -7.37
C PRO A 41 -0.73 -14.85 -6.95
N SER A 42 0.52 -14.50 -6.68
CA SER A 42 0.87 -13.16 -6.26
C SER A 42 1.78 -12.49 -7.29
N SER A 43 1.70 -11.17 -7.38
CA SER A 43 2.51 -10.40 -8.31
C SER A 43 3.34 -9.35 -7.60
N GLY A 44 4.58 -9.16 -8.07
CA GLY A 44 5.45 -8.18 -7.46
C GLY A 44 4.85 -6.79 -7.42
ZN ZN B . 0.91 -2.08 -1.46
N GLY A 1 6.61 20.14 -6.98
CA GLY A 1 7.96 19.69 -6.71
C GLY A 1 8.09 18.19 -6.79
N SER A 2 9.33 17.70 -6.72
CA SER A 2 9.59 16.26 -6.79
C SER A 2 8.64 15.49 -5.88
N SER A 3 8.47 15.98 -4.66
CA SER A 3 7.60 15.34 -3.69
C SER A 3 6.33 14.82 -4.36
N GLY A 4 6.00 13.56 -4.10
CA GLY A 4 4.81 12.97 -4.69
C GLY A 4 3.91 12.33 -3.65
N SER A 5 4.51 11.55 -2.75
CA SER A 5 3.75 10.87 -1.71
C SER A 5 3.59 11.77 -0.48
N SER A 6 2.35 11.88 0.01
CA SER A 6 2.06 12.70 1.18
C SER A 6 1.56 11.84 2.33
N GLY A 7 2.20 12.00 3.48
CA GLY A 7 1.81 11.23 4.66
C GLY A 7 2.99 10.87 5.53
N ALA A 8 3.74 11.87 5.96
CA ALA A 8 4.90 11.64 6.82
C ALA A 8 4.59 11.97 8.27
N ALA A 9 4.01 13.14 8.49
CA ALA A 9 3.65 13.57 9.84
C ALA A 9 2.39 12.87 10.33
N LYS A 10 1.29 13.08 9.62
CA LYS A 10 0.01 12.46 9.98
C LYS A 10 0.01 10.98 9.62
N THR A 11 -0.69 10.19 10.43
CA THR A 11 -0.77 8.75 10.20
C THR A 11 -1.86 8.42 9.19
N THR A 12 -1.51 7.64 8.18
CA THR A 12 -2.47 7.25 7.14
C THR A 12 -2.31 5.78 6.77
N SER A 13 -3.38 5.18 6.27
CA SER A 13 -3.35 3.78 5.88
C SER A 13 -2.48 3.58 4.64
N GLU A 14 -1.17 3.61 4.84
CA GLU A 14 -0.23 3.44 3.73
C GLU A 14 0.22 1.99 3.63
N CYS A 15 0.47 1.53 2.40
CA CYS A 15 0.90 0.16 2.17
C CYS A 15 2.42 0.04 2.29
N GLN A 16 2.87 -0.61 3.34
CA GLN A 16 4.30 -0.80 3.58
C GLN A 16 4.91 -1.71 2.52
N GLU A 17 4.07 -2.49 1.87
CA GLU A 17 4.53 -3.41 0.82
C GLU A 17 5.12 -2.64 -0.35
N CYS A 18 4.35 -1.70 -0.88
CA CYS A 18 4.79 -0.89 -2.02
C CYS A 18 5.01 0.56 -1.60
N GLY A 19 4.12 1.07 -0.75
CA GLY A 19 4.24 2.44 -0.30
C GLY A 19 3.14 3.33 -0.85
N LYS A 20 1.92 2.80 -0.88
CA LYS A 20 0.78 3.56 -1.39
C LYS A 20 -0.09 4.06 -0.25
N ILE A 21 -0.30 5.36 -0.19
CA ILE A 21 -1.12 5.97 0.85
C ILE A 21 -2.60 5.91 0.49
N PHE A 22 -3.42 5.54 1.47
CA PHE A 22 -4.87 5.44 1.26
C PHE A 22 -5.62 6.21 2.32
N ARG A 23 -6.55 7.06 1.89
CA ARG A 23 -7.35 7.86 2.81
C ARG A 23 -7.80 7.03 4.00
N HIS A 24 -8.72 6.11 3.76
CA HIS A 24 -9.24 5.24 4.83
C HIS A 24 -8.75 3.80 4.63
N SER A 25 -8.48 3.13 5.75
CA SER A 25 -8.00 1.76 5.71
C SER A 25 -8.66 0.98 4.57
N SER A 26 -9.99 1.03 4.53
CA SER A 26 -10.75 0.33 3.49
C SER A 26 -9.99 0.34 2.17
N LEU A 27 -9.84 1.51 1.58
CA LEU A 27 -9.13 1.66 0.32
C LEU A 27 -7.88 0.78 0.29
N LEU A 28 -7.13 0.81 1.37
CA LEU A 28 -5.90 0.01 1.47
C LEU A 28 -6.23 -1.47 1.55
N ILE A 29 -7.36 -1.79 2.17
CA ILE A 29 -7.79 -3.18 2.31
C ILE A 29 -7.99 -3.83 0.94
N GLU A 30 -8.60 -3.09 0.03
CA GLU A 30 -8.86 -3.59 -1.32
C GLU A 30 -7.57 -3.65 -2.13
N HIS A 31 -6.68 -2.70 -1.89
CA HIS A 31 -5.40 -2.63 -2.60
C HIS A 31 -4.49 -3.79 -2.18
N GLN A 32 -4.37 -3.99 -0.86
CA GLN A 32 -3.54 -5.05 -0.32
C GLN A 32 -3.84 -6.39 -1.00
N ALA A 33 -5.13 -6.67 -1.18
CA ALA A 33 -5.56 -7.91 -1.81
C ALA A 33 -4.72 -8.21 -3.05
N LEU A 34 -4.44 -7.17 -3.83
CA LEU A 34 -3.64 -7.31 -5.05
C LEU A 34 -2.32 -8.02 -4.76
N HIS A 35 -1.71 -7.66 -3.64
CA HIS A 35 -0.43 -8.26 -3.24
C HIS A 35 -0.62 -9.73 -2.87
N ALA A 36 -1.47 -9.98 -1.89
CA ALA A 36 -1.75 -11.34 -1.44
C ALA A 36 -1.95 -12.28 -2.63
N GLY A 37 -2.80 -11.88 -3.56
CA GLY A 37 -3.06 -12.70 -4.74
C GLY A 37 -1.83 -13.43 -5.22
N GLU A 38 -0.70 -12.72 -5.26
CA GLU A 38 0.55 -13.31 -5.71
C GLU A 38 1.75 -12.50 -5.21
N SER A 39 2.80 -13.20 -4.80
CA SER A 39 4.00 -12.55 -4.29
C SER A 39 5.16 -13.54 -4.19
N GLY A 40 6.38 -13.02 -4.05
CA GLY A 40 7.54 -13.87 -3.94
C GLY A 40 8.38 -13.54 -2.73
N PRO A 41 9.58 -14.15 -2.65
CA PRO A 41 10.51 -13.93 -1.54
C PRO A 41 11.12 -12.53 -1.56
N SER A 42 10.76 -11.72 -0.57
CA SER A 42 11.26 -10.35 -0.46
C SER A 42 12.55 -10.31 0.33
N SER A 43 13.38 -9.30 0.06
CA SER A 43 14.65 -9.14 0.75
C SER A 43 14.47 -9.25 2.27
N GLY A 44 15.37 -9.98 2.92
CA GLY A 44 15.29 -10.16 4.35
C GLY A 44 16.60 -10.64 4.95
ZN ZN B . 0.82 -2.24 -1.80
N GLY A 1 14.50 7.85 -13.16
CA GLY A 1 14.01 8.89 -12.28
C GLY A 1 12.88 8.41 -11.39
N SER A 2 13.14 8.34 -10.09
CA SER A 2 12.13 7.88 -9.13
C SER A 2 11.51 9.06 -8.40
N SER A 3 10.51 8.78 -7.58
CA SER A 3 9.83 9.82 -6.82
C SER A 3 9.27 9.26 -5.51
N GLY A 4 9.01 10.15 -4.56
CA GLY A 4 8.48 9.73 -3.28
C GLY A 4 6.99 9.46 -3.32
N SER A 5 6.30 9.70 -2.21
CA SER A 5 4.86 9.47 -2.12
C SER A 5 4.14 10.73 -1.63
N SER A 6 2.84 10.79 -1.88
CA SER A 6 2.03 11.93 -1.46
C SER A 6 1.41 11.68 -0.09
N GLY A 7 2.10 12.14 0.96
CA GLY A 7 1.60 11.96 2.31
C GLY A 7 2.63 12.32 3.36
N ALA A 8 2.48 13.50 3.96
CA ALA A 8 3.39 13.96 4.99
C ALA A 8 2.88 13.60 6.38
N ALA A 9 2.58 12.32 6.59
CA ALA A 9 2.08 11.87 7.88
C ALA A 9 2.07 10.34 7.95
N LYS A 10 2.63 9.80 9.02
CA LYS A 10 2.69 8.35 9.21
C LYS A 10 1.47 7.85 9.98
N THR A 11 0.31 8.45 9.70
CA THR A 11 -0.92 8.07 10.36
C THR A 11 -1.98 7.64 9.35
N THR A 12 -1.75 7.98 8.08
CA THR A 12 -2.68 7.63 7.01
C THR A 12 -2.57 6.15 6.65
N SER A 13 -3.65 5.60 6.10
CA SER A 13 -3.68 4.20 5.71
C SER A 13 -2.82 3.97 4.47
N GLU A 14 -1.51 4.07 4.63
CA GLU A 14 -0.58 3.88 3.52
C GLU A 14 -0.04 2.46 3.52
N CYS A 15 0.22 1.93 2.33
CA CYS A 15 0.75 0.57 2.19
C CYS A 15 2.25 0.56 2.37
N GLN A 16 2.70 0.00 3.50
CA GLN A 16 4.13 -0.09 3.80
C GLN A 16 4.82 -1.06 2.85
N GLU A 17 4.03 -1.90 2.19
CA GLU A 17 4.58 -2.88 1.26
C GLU A 17 5.15 -2.21 0.01
N CYS A 18 4.40 -1.25 -0.52
CA CYS A 18 4.83 -0.52 -1.71
C CYS A 18 4.97 0.96 -1.42
N GLY A 19 4.03 1.51 -0.67
CA GLY A 19 4.05 2.93 -0.33
C GLY A 19 2.92 3.70 -0.97
N LYS A 20 1.73 3.13 -0.95
CA LYS A 20 0.56 3.78 -1.52
C LYS A 20 -0.37 4.31 -0.44
N ILE A 21 -0.54 5.62 -0.40
CA ILE A 21 -1.40 6.25 0.59
C ILE A 21 -2.88 6.10 0.22
N PHE A 22 -3.70 5.79 1.21
CA PHE A 22 -5.13 5.62 0.99
C PHE A 22 -5.94 6.42 2.00
N ARG A 23 -6.90 7.19 1.51
CA ARG A 23 -7.74 8.02 2.37
C ARG A 23 -8.18 7.24 3.60
N HIS A 24 -9.03 6.23 3.39
CA HIS A 24 -9.52 5.40 4.49
C HIS A 24 -8.99 3.98 4.38
N SER A 25 -8.67 3.39 5.52
CA SER A 25 -8.14 2.02 5.55
C SER A 25 -8.78 1.17 4.46
N SER A 26 -10.11 1.16 4.42
CA SER A 26 -10.83 0.39 3.43
C SER A 26 -10.09 0.35 2.11
N LEU A 27 -9.99 1.50 1.45
CA LEU A 27 -9.29 1.61 0.18
C LEU A 27 -8.02 0.78 0.18
N LEU A 28 -7.26 0.89 1.27
CA LEU A 28 -6.01 0.14 1.41
C LEU A 28 -6.27 -1.35 1.56
N ILE A 29 -7.36 -1.69 2.27
CA ILE A 29 -7.72 -3.08 2.49
C ILE A 29 -7.89 -3.82 1.17
N GLU A 30 -8.54 -3.17 0.20
CA GLU A 30 -8.75 -3.77 -1.11
C GLU A 30 -7.45 -3.85 -1.90
N HIS A 31 -6.59 -2.85 -1.71
CA HIS A 31 -5.30 -2.81 -2.41
C HIS A 31 -4.40 -3.95 -1.94
N GLN A 32 -4.26 -4.09 -0.63
CA GLN A 32 -3.43 -5.14 -0.06
C GLN A 32 -3.72 -6.49 -0.71
N ALA A 33 -5.00 -6.75 -0.95
CA ALA A 33 -5.41 -8.01 -1.57
C ALA A 33 -4.55 -8.33 -2.79
N LEU A 34 -4.14 -7.29 -3.50
CA LEU A 34 -3.31 -7.46 -4.69
C LEU A 34 -1.98 -8.11 -4.34
N HIS A 35 -1.38 -7.68 -3.23
CA HIS A 35 -0.11 -8.23 -2.78
C HIS A 35 -0.23 -9.72 -2.47
N ALA A 36 -1.31 -10.08 -1.78
CA ALA A 36 -1.55 -11.47 -1.43
C ALA A 36 -2.21 -12.23 -2.57
N GLY A 37 -1.80 -11.92 -3.80
CA GLY A 37 -2.36 -12.57 -4.96
C GLY A 37 -1.35 -13.42 -5.70
N GLU A 38 -0.35 -12.77 -6.28
CA GLU A 38 0.68 -13.47 -7.03
C GLU A 38 1.87 -13.80 -6.13
N SER A 39 2.36 -12.80 -5.41
CA SER A 39 3.50 -12.98 -4.52
C SER A 39 3.04 -13.51 -3.17
N GLY A 40 2.17 -14.52 -3.20
CA GLY A 40 1.66 -15.11 -1.97
C GLY A 40 2.13 -16.54 -1.78
N PRO A 41 1.39 -17.29 -0.96
CA PRO A 41 1.71 -18.70 -0.67
C PRO A 41 1.47 -19.60 -1.88
N SER A 42 1.66 -20.90 -1.68
CA SER A 42 1.47 -21.87 -2.74
C SER A 42 0.34 -22.84 -2.42
N SER A 43 0.35 -23.37 -1.20
CA SER A 43 -0.67 -24.31 -0.76
C SER A 43 -1.32 -23.82 0.54
N GLY A 44 -1.65 -22.53 0.59
CA GLY A 44 -2.27 -21.97 1.77
C GLY A 44 -1.49 -20.80 2.34
ZN ZN B . 0.80 -2.05 -1.67
N GLY A 1 0.58 17.89 -8.79
CA GLY A 1 1.45 18.90 -9.37
C GLY A 1 2.89 18.41 -9.50
N SER A 2 3.73 19.22 -10.11
CA SER A 2 5.13 18.87 -10.30
C SER A 2 5.93 19.16 -9.03
N SER A 3 6.77 18.18 -8.64
CA SER A 3 7.59 18.33 -7.44
C SER A 3 6.71 18.44 -6.19
N GLY A 4 5.68 17.61 -6.13
CA GLY A 4 4.78 17.63 -4.99
C GLY A 4 3.88 16.41 -4.93
N SER A 5 4.50 15.23 -4.94
CA SER A 5 3.74 13.98 -4.90
C SER A 5 4.26 13.08 -3.79
N SER A 6 3.70 13.23 -2.59
CA SER A 6 4.11 12.44 -1.45
C SER A 6 3.06 12.50 -0.34
N GLY A 7 2.81 11.36 0.31
CA GLY A 7 1.83 11.32 1.38
C GLY A 7 1.96 12.48 2.33
N ALA A 8 0.84 13.13 2.64
CA ALA A 8 0.83 14.27 3.55
C ALA A 8 0.94 13.82 5.00
N ALA A 9 0.04 12.93 5.40
CA ALA A 9 0.03 12.43 6.77
C ALA A 9 0.64 11.02 6.83
N LYS A 10 1.22 10.68 7.98
CA LYS A 10 1.83 9.37 8.17
C LYS A 10 0.80 8.35 8.62
N THR A 11 0.18 8.62 9.77
CA THR A 11 -0.84 7.72 10.33
C THR A 11 -1.78 7.23 9.24
N THR A 12 -1.87 7.98 8.15
CA THR A 12 -2.74 7.62 7.04
C THR A 12 -2.55 6.16 6.65
N SER A 13 -3.62 5.54 6.14
CA SER A 13 -3.57 4.15 5.72
C SER A 13 -2.67 3.97 4.51
N GLU A 14 -1.37 3.86 4.75
CA GLU A 14 -0.40 3.69 3.67
C GLU A 14 0.13 2.26 3.64
N CYS A 15 0.34 1.74 2.43
CA CYS A 15 0.85 0.39 2.27
C CYS A 15 2.37 0.34 2.43
N GLN A 16 2.83 -0.26 3.52
CA GLN A 16 4.25 -0.36 3.79
C GLN A 16 4.93 -1.31 2.81
N GLU A 17 4.11 -2.13 2.14
CA GLU A 17 4.64 -3.09 1.17
C GLU A 17 5.21 -2.39 -0.05
N CYS A 18 4.48 -1.39 -0.55
CA CYS A 18 4.91 -0.63 -1.71
C CYS A 18 5.04 0.86 -1.38
N GLY A 19 4.08 1.37 -0.61
CA GLY A 19 4.10 2.77 -0.23
C GLY A 19 2.96 3.55 -0.85
N LYS A 20 1.78 2.96 -0.86
CA LYS A 20 0.60 3.61 -1.43
C LYS A 20 -0.30 4.16 -0.32
N ILE A 21 -0.42 5.49 -0.28
CA ILE A 21 -1.25 6.14 0.73
C ILE A 21 -2.73 6.00 0.39
N PHE A 22 -3.55 5.75 1.40
CA PHE A 22 -4.99 5.61 1.22
C PHE A 22 -5.76 6.41 2.27
N ARG A 23 -6.79 7.11 1.82
CA ARG A 23 -7.60 7.93 2.71
C ARG A 23 -8.04 7.12 3.93
N HIS A 24 -8.93 6.16 3.72
CA HIS A 24 -9.42 5.32 4.80
C HIS A 24 -8.93 3.89 4.64
N SER A 25 -8.69 3.22 5.77
CA SER A 25 -8.21 1.83 5.75
C SER A 25 -8.83 1.06 4.59
N SER A 26 -10.16 1.06 4.52
CA SER A 26 -10.87 0.36 3.47
C SER A 26 -10.10 0.40 2.15
N LEU A 27 -9.94 1.61 1.61
CA LEU A 27 -9.22 1.79 0.35
C LEU A 27 -7.94 0.94 0.34
N LEU A 28 -7.23 0.92 1.45
CA LEU A 28 -6.00 0.15 1.57
C LEU A 28 -6.30 -1.34 1.62
N ILE A 29 -7.42 -1.70 2.24
CA ILE A 29 -7.82 -3.10 2.36
C ILE A 29 -7.96 -3.74 0.99
N GLU A 30 -8.57 -3.01 0.05
CA GLU A 30 -8.78 -3.51 -1.30
C GLU A 30 -7.45 -3.58 -2.06
N HIS A 31 -6.57 -2.64 -1.77
CA HIS A 31 -5.26 -2.58 -2.42
C HIS A 31 -4.39 -3.76 -1.99
N GLN A 32 -4.30 -3.96 -0.68
CA GLN A 32 -3.49 -5.04 -0.13
C GLN A 32 -3.78 -6.35 -0.85
N ALA A 33 -5.06 -6.63 -1.08
CA ALA A 33 -5.46 -7.84 -1.78
C ALA A 33 -4.57 -8.11 -2.99
N LEU A 34 -4.13 -7.04 -3.63
CA LEU A 34 -3.28 -7.17 -4.81
C LEU A 34 -1.98 -7.90 -4.47
N HIS A 35 -1.42 -7.57 -3.30
CA HIS A 35 -0.18 -8.20 -2.86
C HIS A 35 -0.40 -9.67 -2.55
N ALA A 36 -1.34 -9.95 -1.65
CA ALA A 36 -1.64 -11.32 -1.26
C ALA A 36 -2.38 -12.06 -2.38
N GLY A 37 -1.72 -13.04 -2.98
CA GLY A 37 -2.32 -13.80 -4.05
C GLY A 37 -1.77 -13.42 -5.42
N GLU A 38 -0.61 -13.98 -5.76
CA GLU A 38 0.02 -13.70 -7.04
C GLU A 38 -0.63 -14.51 -8.16
N SER A 39 -0.88 -13.85 -9.29
CA SER A 39 -1.50 -14.49 -10.43
C SER A 39 -1.04 -13.86 -11.74
N GLY A 40 -1.15 -14.62 -12.82
CA GLY A 40 -0.73 -14.11 -14.13
C GLY A 40 -0.82 -15.17 -15.21
N PRO A 41 -2.01 -15.36 -15.77
CA PRO A 41 -2.26 -16.34 -16.83
C PRO A 41 -1.59 -15.95 -18.15
N SER A 42 -1.14 -14.70 -18.22
CA SER A 42 -0.49 -14.19 -19.43
C SER A 42 0.36 -15.28 -20.08
N SER A 43 1.31 -15.80 -19.31
CA SER A 43 2.21 -16.85 -19.81
C SER A 43 2.64 -17.79 -18.68
N GLY A 44 2.46 -19.08 -18.90
CA GLY A 44 2.83 -20.06 -17.89
C GLY A 44 4.30 -20.41 -17.94
ZN ZN B . 0.96 -2.14 -1.64
N GLY A 1 7.43 12.07 -16.76
CA GLY A 1 6.73 11.22 -15.82
C GLY A 1 7.46 11.08 -14.49
N SER A 2 7.51 12.17 -13.73
CA SER A 2 8.19 12.16 -12.44
C SER A 2 7.22 11.83 -11.31
N SER A 3 7.35 10.63 -10.75
CA SER A 3 6.48 10.18 -9.67
C SER A 3 6.86 10.87 -8.36
N GLY A 4 5.84 11.20 -7.56
CA GLY A 4 6.08 11.85 -6.29
C GLY A 4 4.97 12.80 -5.91
N SER A 5 3.79 12.25 -5.64
CA SER A 5 2.63 13.06 -5.27
C SER A 5 2.66 13.39 -3.78
N SER A 6 1.82 14.34 -3.38
CA SER A 6 1.75 14.76 -1.98
C SER A 6 1.12 13.66 -1.12
N GLY A 7 1.70 13.46 0.07
CA GLY A 7 1.18 12.44 0.97
C GLY A 7 1.85 12.50 2.34
N ALA A 8 1.83 13.68 2.95
CA ALA A 8 2.44 13.86 4.27
C ALA A 8 1.37 14.06 5.33
N ALA A 9 1.40 13.22 6.36
CA ALA A 9 0.44 13.31 7.45
C ALA A 9 0.89 12.51 8.66
N LYS A 10 0.35 12.84 9.82
CA LYS A 10 0.70 12.14 11.05
C LYS A 10 0.67 10.64 10.86
N THR A 11 -0.46 10.13 10.37
CA THR A 11 -0.62 8.71 10.13
C THR A 11 -1.75 8.43 9.15
N THR A 12 -1.50 7.53 8.20
CA THR A 12 -2.49 7.18 7.20
C THR A 12 -2.38 5.72 6.79
N SER A 13 -3.41 5.21 6.13
CA SER A 13 -3.43 3.82 5.70
C SER A 13 -2.55 3.62 4.47
N GLU A 14 -1.24 3.71 4.66
CA GLU A 14 -0.29 3.53 3.57
C GLU A 14 0.19 2.09 3.48
N CYS A 15 0.39 1.62 2.25
CA CYS A 15 0.86 0.25 2.03
C CYS A 15 2.37 0.15 2.22
N GLN A 16 2.77 -0.52 3.30
CA GLN A 16 4.18 -0.70 3.60
C GLN A 16 4.84 -1.67 2.64
N GLU A 17 4.00 -2.41 1.90
CA GLU A 17 4.50 -3.38 0.93
C GLU A 17 5.05 -2.67 -0.31
N CYS A 18 4.35 -1.64 -0.75
CA CYS A 18 4.75 -0.89 -1.93
C CYS A 18 5.00 0.58 -1.58
N GLY A 19 4.08 1.16 -0.81
CA GLY A 19 4.22 2.55 -0.42
C GLY A 19 3.13 3.43 -1.00
N LYS A 20 1.91 2.90 -1.06
CA LYS A 20 0.78 3.64 -1.60
C LYS A 20 -0.14 4.13 -0.48
N ILE A 21 -0.25 5.45 -0.34
CA ILE A 21 -1.09 6.04 0.69
C ILE A 21 -2.56 5.92 0.31
N PHE A 22 -3.41 5.69 1.32
CA PHE A 22 -4.84 5.56 1.10
C PHE A 22 -5.62 6.35 2.13
N ARG A 23 -6.63 7.09 1.67
CA ARG A 23 -7.46 7.90 2.55
C ARG A 23 -7.88 7.11 3.79
N HIS A 24 -8.75 6.13 3.59
CA HIS A 24 -9.23 5.29 4.69
C HIS A 24 -8.72 3.86 4.55
N SER A 25 -8.44 3.22 5.67
CA SER A 25 -7.95 1.85 5.68
C SER A 25 -8.61 1.03 4.57
N SER A 26 -9.93 1.06 4.54
CA SER A 26 -10.69 0.32 3.53
C SER A 26 -9.95 0.31 2.19
N LEU A 27 -9.83 1.49 1.59
CA LEU A 27 -9.14 1.61 0.30
C LEU A 27 -7.89 0.74 0.26
N LEU A 28 -7.11 0.79 1.34
CA LEU A 28 -5.89 -0.01 1.43
C LEU A 28 -6.21 -1.50 1.54
N ILE A 29 -7.33 -1.81 2.18
CA ILE A 29 -7.75 -3.19 2.36
C ILE A 29 -7.97 -3.87 1.01
N GLU A 30 -8.58 -3.16 0.08
CA GLU A 30 -8.84 -3.68 -1.24
C GLU A 30 -7.57 -3.73 -2.08
N HIS A 31 -6.68 -2.77 -1.86
CA HIS A 31 -5.42 -2.69 -2.59
C HIS A 31 -4.48 -3.80 -2.14
N GLN A 32 -4.42 -4.05 -0.84
CA GLN A 32 -3.56 -5.08 -0.29
C GLN A 32 -3.85 -6.43 -0.94
N ALA A 33 -5.12 -6.76 -1.06
CA ALA A 33 -5.54 -8.02 -1.66
C ALA A 33 -4.72 -8.32 -2.91
N LEU A 34 -4.46 -7.29 -3.70
CA LEU A 34 -3.69 -7.45 -4.93
C LEU A 34 -2.34 -8.10 -4.65
N HIS A 35 -1.72 -7.71 -3.54
CA HIS A 35 -0.42 -8.25 -3.16
C HIS A 35 -0.54 -9.73 -2.79
N ALA A 36 -1.57 -10.06 -2.02
CA ALA A 36 -1.80 -11.44 -1.61
C ALA A 36 -2.57 -12.22 -2.68
N GLY A 37 -2.17 -12.03 -3.93
CA GLY A 37 -2.83 -12.71 -5.02
C GLY A 37 -1.95 -13.78 -5.65
N GLU A 38 -2.16 -14.04 -6.94
CA GLU A 38 -1.38 -15.04 -7.66
C GLU A 38 -0.88 -14.49 -8.98
N SER A 39 -0.48 -13.22 -8.98
CA SER A 39 0.03 -12.57 -10.18
C SER A 39 1.34 -11.85 -9.90
N GLY A 40 2.23 -11.84 -10.89
CA GLY A 40 3.51 -11.18 -10.73
C GLY A 40 4.66 -12.17 -10.58
N PRO A 41 5.90 -11.67 -10.74
CA PRO A 41 7.10 -12.50 -10.64
C PRO A 41 7.37 -12.95 -9.20
N SER A 42 8.40 -13.77 -9.03
CA SER A 42 8.75 -14.28 -7.71
C SER A 42 9.84 -13.42 -7.07
N SER A 43 10.11 -13.68 -5.80
CA SER A 43 11.13 -12.93 -5.07
C SER A 43 12.41 -13.74 -4.90
N GLY A 44 12.36 -14.99 -5.37
CA GLY A 44 13.51 -15.87 -5.26
C GLY A 44 13.40 -16.83 -4.10
ZN ZN B . 0.55 -2.11 -2.02
N GLY A 1 4.93 5.80 -13.32
CA GLY A 1 4.06 5.09 -12.39
C GLY A 1 3.48 6.00 -11.33
N SER A 2 4.23 6.18 -10.24
CA SER A 2 3.78 7.03 -9.14
C SER A 2 4.81 8.08 -8.80
N SER A 3 4.43 9.35 -8.92
CA SER A 3 5.33 10.45 -8.63
C SER A 3 4.55 11.76 -8.46
N GLY A 4 5.19 12.74 -7.82
CA GLY A 4 4.54 14.03 -7.62
C GLY A 4 3.59 14.01 -6.44
N SER A 5 4.06 13.49 -5.31
CA SER A 5 3.23 13.41 -4.10
C SER A 5 4.05 12.91 -2.92
N SER A 6 4.15 13.75 -1.89
CA SER A 6 4.91 13.38 -0.69
C SER A 6 4.20 12.29 0.09
N GLY A 7 4.95 11.63 0.98
CA GLY A 7 4.37 10.56 1.78
C GLY A 7 4.08 11.00 3.19
N ALA A 8 3.63 12.24 3.35
CA ALA A 8 3.32 12.78 4.67
C ALA A 8 2.02 12.18 5.21
N ALA A 9 1.78 12.38 6.51
CA ALA A 9 0.58 11.87 7.15
C ALA A 9 0.65 10.35 7.32
N LYS A 10 1.76 9.88 7.89
CA LYS A 10 1.95 8.46 8.11
C LYS A 10 0.71 7.83 8.74
N THR A 11 0.16 8.49 9.77
CA THR A 11 -1.01 8.00 10.46
C THR A 11 -2.05 7.48 9.47
N THR A 12 -1.98 7.95 8.22
CA THR A 12 -2.90 7.52 7.18
C THR A 12 -2.69 6.06 6.81
N SER A 13 -3.69 5.47 6.18
CA SER A 13 -3.62 4.06 5.78
C SER A 13 -2.70 3.91 4.57
N GLU A 14 -1.40 3.92 4.80
CA GLU A 14 -0.42 3.78 3.73
C GLU A 14 0.07 2.34 3.63
N CYS A 15 0.26 1.87 2.40
CA CYS A 15 0.72 0.51 2.16
C CYS A 15 2.23 0.41 2.36
N GLN A 16 2.64 -0.23 3.45
CA GLN A 16 4.05 -0.41 3.75
C GLN A 16 4.71 -1.36 2.76
N GLU A 17 3.89 -2.14 2.07
CA GLU A 17 4.39 -3.11 1.09
C GLU A 17 5.02 -2.39 -0.11
N CYS A 18 4.32 -1.38 -0.60
CA CYS A 18 4.80 -0.61 -1.75
C CYS A 18 4.99 0.86 -1.38
N GLY A 19 4.05 1.41 -0.61
CA GLY A 19 4.14 2.79 -0.21
C GLY A 19 3.05 3.66 -0.82
N LYS A 20 1.84 3.11 -0.89
CA LYS A 20 0.70 3.83 -1.44
C LYS A 20 -0.23 4.32 -0.34
N ILE A 21 -0.40 5.64 -0.26
CA ILE A 21 -1.27 6.22 0.75
C ILE A 21 -2.74 6.11 0.35
N PHE A 22 -3.59 5.82 1.32
CA PHE A 22 -5.02 5.70 1.07
C PHE A 22 -5.83 6.49 2.08
N ARG A 23 -6.83 7.22 1.60
CA ARG A 23 -7.69 8.03 2.46
C ARG A 23 -8.10 7.24 3.71
N HIS A 24 -8.95 6.24 3.50
CA HIS A 24 -9.43 5.41 4.61
C HIS A 24 -8.90 3.99 4.49
N SER A 25 -8.58 3.38 5.64
CA SER A 25 -8.06 2.02 5.66
C SER A 25 -8.68 1.19 4.55
N SER A 26 -10.01 1.16 4.52
CA SER A 26 -10.73 0.38 3.51
C SER A 26 -9.98 0.39 2.18
N LEU A 27 -9.89 1.56 1.56
CA LEU A 27 -9.20 1.70 0.29
C LEU A 27 -7.92 0.86 0.26
N LEU A 28 -7.16 0.94 1.35
CA LEU A 28 -5.91 0.19 1.46
C LEU A 28 -6.18 -1.30 1.62
N ILE A 29 -7.24 -1.63 2.35
CA ILE A 29 -7.61 -3.02 2.57
C ILE A 29 -7.79 -3.76 1.26
N GLU A 30 -8.48 -3.12 0.31
CA GLU A 30 -8.72 -3.72 -0.99
C GLU A 30 -7.44 -3.76 -1.82
N HIS A 31 -6.60 -2.74 -1.65
CA HIS A 31 -5.35 -2.65 -2.38
C HIS A 31 -4.39 -3.75 -1.95
N GLN A 32 -4.25 -3.94 -0.64
CA GLN A 32 -3.36 -4.96 -0.10
C GLN A 32 -3.62 -6.32 -0.77
N ALA A 33 -4.90 -6.65 -0.95
CA ALA A 33 -5.27 -7.91 -1.57
C ALA A 33 -4.45 -8.17 -2.83
N LEU A 34 -4.15 -7.10 -3.56
CA LEU A 34 -3.37 -7.20 -4.78
C LEU A 34 -2.03 -7.88 -4.53
N HIS A 35 -1.44 -7.59 -3.37
CA HIS A 35 -0.16 -8.17 -3.00
C HIS A 35 -0.31 -9.64 -2.63
N ALA A 36 -1.25 -9.91 -1.73
CA ALA A 36 -1.50 -11.29 -1.28
C ALA A 36 -1.79 -12.20 -2.47
N GLY A 37 -2.81 -11.86 -3.25
CA GLY A 37 -3.17 -12.66 -4.39
C GLY A 37 -3.67 -14.04 -4.02
N GLU A 38 -3.45 -15.01 -4.89
CA GLU A 38 -3.89 -16.38 -4.65
C GLU A 38 -3.07 -17.00 -3.51
N SER A 39 -3.77 -17.60 -2.55
CA SER A 39 -3.12 -18.23 -1.41
C SER A 39 -2.57 -19.60 -1.79
N GLY A 40 -1.72 -20.15 -0.93
CA GLY A 40 -1.14 -21.45 -1.20
C GLY A 40 -0.94 -22.27 0.06
N PRO A 41 0.15 -21.99 0.79
CA PRO A 41 0.47 -22.71 2.04
C PRO A 41 -0.49 -22.35 3.17
N SER A 42 -1.51 -23.19 3.35
CA SER A 42 -2.50 -22.96 4.41
C SER A 42 -2.16 -23.75 5.65
N SER A 43 -0.88 -23.77 6.02
CA SER A 43 -0.42 -24.49 7.19
C SER A 43 -0.17 -23.54 8.35
N GLY A 44 0.62 -22.50 8.10
CA GLY A 44 0.93 -21.54 9.14
C GLY A 44 1.71 -20.35 8.61
ZN ZN B . 0.81 -1.93 -1.82
N GLY A 1 16.61 17.23 -8.88
CA GLY A 1 15.58 17.17 -7.85
C GLY A 1 14.42 16.27 -8.25
N SER A 2 14.07 15.34 -7.36
CA SER A 2 12.98 14.41 -7.62
C SER A 2 12.45 13.82 -6.32
N SER A 3 11.13 13.79 -6.20
CA SER A 3 10.49 13.24 -4.99
C SER A 3 9.94 11.85 -5.25
N GLY A 4 10.09 10.97 -4.26
CA GLY A 4 9.61 9.61 -4.40
C GLY A 4 8.20 9.43 -3.88
N SER A 5 7.99 9.75 -2.60
CA SER A 5 6.68 9.62 -1.99
C SER A 5 6.06 10.99 -1.74
N SER A 6 4.74 11.07 -1.86
CA SER A 6 4.02 12.32 -1.65
C SER A 6 2.96 12.16 -0.56
N GLY A 7 3.26 12.65 0.64
CA GLY A 7 2.32 12.56 1.74
C GLY A 7 2.46 13.72 2.71
N ALA A 8 1.88 13.55 3.90
CA ALA A 8 1.94 14.59 4.92
C ALA A 8 2.55 14.06 6.21
N ALA A 9 1.96 13.00 6.74
CA ALA A 9 2.45 12.38 7.97
C ALA A 9 2.11 10.90 8.02
N LYS A 10 2.64 10.21 9.03
CA LYS A 10 2.39 8.78 9.20
C LYS A 10 1.05 8.54 9.89
N THR A 11 0.04 9.30 9.50
CA THR A 11 -1.29 9.17 10.08
C THR A 11 -2.32 8.84 9.01
N THR A 12 -1.94 8.00 8.06
CA THR A 12 -2.84 7.61 6.98
C THR A 12 -2.63 6.14 6.61
N SER A 13 -3.71 5.50 6.17
CA SER A 13 -3.66 4.09 5.78
C SER A 13 -2.77 3.90 4.55
N GLU A 14 -1.47 3.83 4.78
CA GLU A 14 -0.51 3.65 3.68
C GLU A 14 0.00 2.21 3.65
N CYS A 15 0.26 1.72 2.44
CA CYS A 15 0.76 0.37 2.26
C CYS A 15 2.28 0.31 2.43
N GLN A 16 2.73 -0.31 3.52
CA GLN A 16 4.15 -0.43 3.79
C GLN A 16 4.83 -1.35 2.79
N GLU A 17 4.02 -2.17 2.11
CA GLU A 17 4.54 -3.11 1.12
C GLU A 17 5.15 -2.36 -0.07
N CYS A 18 4.36 -1.47 -0.66
CA CYS A 18 4.81 -0.70 -1.81
C CYS A 18 4.97 0.77 -1.44
N GLY A 19 4.03 1.29 -0.65
CA GLY A 19 4.08 2.68 -0.24
C GLY A 19 2.96 3.50 -0.85
N LYS A 20 1.76 2.93 -0.90
CA LYS A 20 0.61 3.62 -1.46
C LYS A 20 -0.31 4.14 -0.36
N ILE A 21 -0.46 5.46 -0.28
CA ILE A 21 -1.30 6.07 0.72
C ILE A 21 -2.77 5.97 0.34
N PHE A 22 -3.62 5.75 1.34
CA PHE A 22 -5.06 5.63 1.10
C PHE A 22 -5.85 6.44 2.13
N ARG A 23 -6.88 7.13 1.67
CA ARG A 23 -7.71 7.94 2.54
C ARG A 23 -8.15 7.15 3.77
N HIS A 24 -9.00 6.16 3.54
CA HIS A 24 -9.50 5.32 4.62
C HIS A 24 -8.97 3.89 4.51
N SER A 25 -8.64 3.28 5.64
CA SER A 25 -8.12 1.93 5.66
C SER A 25 -8.75 1.09 4.55
N SER A 26 -10.08 1.05 4.53
CA SER A 26 -10.81 0.28 3.53
C SER A 26 -10.07 0.29 2.20
N LEU A 27 -9.93 1.47 1.61
CA LEU A 27 -9.24 1.62 0.33
C LEU A 27 -7.97 0.78 0.30
N LEU A 28 -7.16 0.89 1.36
CA LEU A 28 -5.92 0.15 1.45
C LEU A 28 -6.18 -1.35 1.57
N ILE A 29 -7.23 -1.70 2.31
CA ILE A 29 -7.60 -3.10 2.50
C ILE A 29 -7.78 -3.80 1.16
N GLU A 30 -8.47 -3.14 0.24
CA GLU A 30 -8.70 -3.71 -1.08
C GLU A 30 -7.43 -3.76 -1.90
N HIS A 31 -6.56 -2.77 -1.70
CA HIS A 31 -5.30 -2.69 -2.41
C HIS A 31 -4.37 -3.82 -2.00
N GLN A 32 -4.20 -4.00 -0.69
CA GLN A 32 -3.34 -5.05 -0.17
C GLN A 32 -3.62 -6.38 -0.86
N ALA A 33 -4.90 -6.68 -1.05
CA ALA A 33 -5.31 -7.92 -1.70
C ALA A 33 -4.48 -8.18 -2.95
N LEU A 34 -4.22 -7.13 -3.72
CA LEU A 34 -3.44 -7.24 -4.95
C LEU A 34 -2.10 -7.91 -4.67
N HIS A 35 -1.49 -7.59 -3.53
CA HIS A 35 -0.21 -8.16 -3.16
C HIS A 35 -0.34 -9.66 -2.90
N ALA A 36 -1.23 -10.03 -1.97
CA ALA A 36 -1.44 -11.43 -1.63
C ALA A 36 -1.34 -12.31 -2.87
N GLY A 37 -0.25 -13.05 -2.98
CA GLY A 37 -0.05 -13.93 -4.12
C GLY A 37 1.19 -14.79 -3.99
N GLU A 38 1.54 -15.49 -5.05
CA GLU A 38 2.71 -16.36 -5.05
C GLU A 38 3.96 -15.59 -5.46
N SER A 39 5.10 -15.96 -4.88
CA SER A 39 6.36 -15.29 -5.18
C SER A 39 6.50 -15.05 -6.68
N GLY A 40 6.17 -16.07 -7.48
CA GLY A 40 6.26 -15.93 -8.92
C GLY A 40 7.60 -15.37 -9.37
N PRO A 41 7.68 -14.98 -10.66
CA PRO A 41 8.90 -14.42 -11.24
C PRO A 41 9.20 -13.02 -10.70
N SER A 42 8.33 -12.53 -9.82
CA SER A 42 8.49 -11.20 -9.24
C SER A 42 9.20 -11.29 -7.89
N SER A 43 10.52 -11.35 -7.92
CA SER A 43 11.31 -11.44 -6.70
C SER A 43 11.40 -10.09 -6.00
N GLY A 44 11.24 -10.10 -4.68
CA GLY A 44 11.31 -8.87 -3.91
C GLY A 44 10.83 -9.05 -2.48
ZN ZN B . 0.92 -2.10 -1.67
N GLY A 1 15.41 15.52 -1.78
CA GLY A 1 15.20 14.45 -2.75
C GLY A 1 13.80 14.46 -3.33
N SER A 2 12.81 14.31 -2.46
CA SER A 2 11.41 14.29 -2.90
C SER A 2 10.53 15.02 -1.89
N SER A 3 9.51 15.71 -2.40
CA SER A 3 8.59 16.45 -1.56
C SER A 3 7.14 16.18 -1.95
N GLY A 4 6.48 15.30 -1.19
CA GLY A 4 5.10 14.97 -1.48
C GLY A 4 4.16 15.41 -0.38
N SER A 5 3.14 16.18 -0.74
CA SER A 5 2.17 16.68 0.22
C SER A 5 1.83 15.60 1.25
N SER A 6 1.54 14.40 0.76
CA SER A 6 1.20 13.28 1.64
C SER A 6 2.20 12.15 1.49
N GLY A 7 2.81 11.75 2.61
CA GLY A 7 3.78 10.67 2.58
C GLY A 7 3.70 9.78 3.80
N ALA A 8 4.83 9.59 4.47
CA ALA A 8 4.88 8.76 5.66
C ALA A 8 4.94 9.61 6.93
N ALA A 9 4.24 10.74 6.91
CA ALA A 9 4.21 11.65 8.06
C ALA A 9 2.79 11.84 8.56
N LYS A 10 2.04 10.74 8.67
CA LYS A 10 0.67 10.80 9.14
C LYS A 10 0.14 9.40 9.45
N THR A 11 -0.94 9.33 10.21
CA THR A 11 -1.54 8.05 10.58
C THR A 11 -2.35 7.48 9.43
N THR A 12 -2.24 8.10 8.26
CA THR A 12 -2.96 7.65 7.07
C THR A 12 -2.65 6.20 6.76
N SER A 13 -3.60 5.50 6.14
CA SER A 13 -3.42 4.11 5.78
C SER A 13 -2.54 3.97 4.54
N GLU A 14 -1.26 3.71 4.77
CA GLU A 14 -0.30 3.56 3.67
C GLU A 14 0.21 2.12 3.59
N CYS A 15 0.40 1.64 2.36
CA CYS A 15 0.88 0.28 2.15
C CYS A 15 2.40 0.21 2.28
N GLN A 16 2.88 -0.35 3.38
CA GLN A 16 4.31 -0.47 3.62
C GLN A 16 4.96 -1.41 2.60
N GLU A 17 4.14 -2.25 1.99
CA GLU A 17 4.63 -3.20 0.99
C GLU A 17 5.20 -2.47 -0.23
N CYS A 18 4.40 -1.58 -0.80
CA CYS A 18 4.84 -0.82 -1.96
C CYS A 18 5.02 0.65 -1.62
N GLY A 19 4.12 1.19 -0.79
CA GLY A 19 4.21 2.57 -0.39
C GLY A 19 3.09 3.42 -0.99
N LYS A 20 1.89 2.87 -1.02
CA LYS A 20 0.74 3.57 -1.57
C LYS A 20 -0.18 4.07 -0.45
N ILE A 21 -0.27 5.40 -0.30
CA ILE A 21 -1.10 5.99 0.73
C ILE A 21 -2.58 5.88 0.37
N PHE A 22 -3.42 5.70 1.37
CA PHE A 22 -4.86 5.58 1.16
C PHE A 22 -5.63 6.37 2.21
N ARG A 23 -6.56 7.19 1.75
CA ARG A 23 -7.37 8.01 2.65
C ARG A 23 -7.84 7.19 3.86
N HIS A 24 -8.75 6.26 3.62
CA HIS A 24 -9.26 5.40 4.69
C HIS A 24 -8.74 3.98 4.56
N SER A 25 -8.55 3.32 5.69
CA SER A 25 -8.04 1.95 5.72
C SER A 25 -8.65 1.13 4.59
N SER A 26 -9.98 1.12 4.52
CA SER A 26 -10.70 0.38 3.50
C SER A 26 -9.92 0.37 2.19
N LEU A 27 -9.78 1.55 1.59
CA LEU A 27 -9.05 1.69 0.33
C LEU A 27 -7.79 0.84 0.34
N LEU A 28 -7.05 0.89 1.42
CA LEU A 28 -5.81 0.12 1.55
C LEU A 28 -6.12 -1.37 1.67
N ILE A 29 -7.20 -1.69 2.39
CA ILE A 29 -7.60 -3.08 2.59
C ILE A 29 -7.89 -3.76 1.27
N GLU A 30 -8.49 -3.02 0.34
CA GLU A 30 -8.83 -3.55 -0.97
C GLU A 30 -7.59 -3.60 -1.87
N HIS A 31 -6.63 -2.73 -1.58
CA HIS A 31 -5.39 -2.69 -2.36
C HIS A 31 -4.46 -3.82 -1.98
N GLN A 32 -4.28 -4.03 -0.68
CA GLN A 32 -3.41 -5.08 -0.18
C GLN A 32 -3.72 -6.41 -0.87
N ALA A 33 -5.00 -6.71 -1.03
CA ALA A 33 -5.42 -7.95 -1.67
C ALA A 33 -4.62 -8.21 -2.94
N LEU A 34 -4.42 -7.15 -3.73
CA LEU A 34 -3.68 -7.27 -4.97
C LEU A 34 -2.33 -7.96 -4.74
N HIS A 35 -1.69 -7.64 -3.63
CA HIS A 35 -0.40 -8.24 -3.28
C HIS A 35 -0.54 -9.74 -3.09
N ALA A 36 -1.65 -10.16 -2.50
CA ALA A 36 -1.90 -11.58 -2.26
C ALA A 36 -2.96 -12.12 -3.21
N GLY A 37 -3.33 -13.38 -3.01
CA GLY A 37 -4.34 -14.00 -3.86
C GLY A 37 -3.91 -15.36 -4.37
N GLU A 38 -3.64 -16.27 -3.45
CA GLU A 38 -3.22 -17.62 -3.81
C GLU A 38 -4.26 -18.65 -3.39
N SER A 39 -4.58 -19.58 -4.30
CA SER A 39 -5.56 -20.62 -4.03
C SER A 39 -4.93 -21.74 -3.22
N GLY A 40 -5.28 -21.81 -1.93
CA GLY A 40 -4.76 -22.85 -1.07
C GLY A 40 -5.09 -22.61 0.39
N PRO A 41 -4.66 -23.55 1.25
CA PRO A 41 -4.92 -23.46 2.69
C PRO A 41 -4.10 -22.34 3.36
N SER A 42 -3.13 -21.81 2.62
CA SER A 42 -2.29 -20.74 3.14
C SER A 42 -3.09 -19.80 4.04
N SER A 43 -2.92 -19.97 5.35
CA SER A 43 -3.63 -19.14 6.32
C SER A 43 -3.00 -19.27 7.71
N GLY A 44 -2.35 -18.21 8.16
CA GLY A 44 -1.72 -18.22 9.46
C GLY A 44 -1.48 -16.82 10.02
ZN ZN B . 0.85 -2.21 -1.77
N GLY A 1 -2.86 10.16 -13.93
CA GLY A 1 -1.53 10.50 -13.49
C GLY A 1 -1.39 10.46 -11.97
N SER A 2 -0.26 10.95 -11.47
CA SER A 2 0.00 10.96 -10.04
C SER A 2 1.27 11.73 -9.72
N SER A 3 1.38 12.20 -8.48
CA SER A 3 2.54 12.96 -8.05
C SER A 3 2.77 12.80 -6.54
N GLY A 4 3.88 13.35 -6.06
CA GLY A 4 4.19 13.26 -4.65
C GLY A 4 3.70 14.47 -3.87
N SER A 5 2.48 14.90 -4.15
CA SER A 5 1.90 16.06 -3.48
C SER A 5 1.94 15.88 -1.96
N SER A 6 1.33 14.79 -1.48
CA SER A 6 1.28 14.51 -0.06
C SER A 6 1.76 13.09 0.23
N GLY A 7 2.35 12.89 1.41
CA GLY A 7 2.84 11.59 1.78
C GLY A 7 3.70 11.62 3.03
N ALA A 8 3.44 10.69 3.95
CA ALA A 8 4.20 10.63 5.19
C ALA A 8 3.93 11.85 6.06
N ALA A 9 2.70 12.34 6.03
CA ALA A 9 2.31 13.51 6.82
C ALA A 9 1.87 13.09 8.22
N LYS A 10 0.94 12.15 8.29
CA LYS A 10 0.43 11.67 9.57
C LYS A 10 0.00 10.21 9.47
N THR A 11 -0.45 9.65 10.59
CA THR A 11 -0.88 8.26 10.63
C THR A 11 -1.90 7.97 9.54
N THR A 12 -1.45 7.34 8.46
CA THR A 12 -2.33 7.00 7.34
C THR A 12 -2.20 5.54 6.97
N SER A 13 -3.24 4.99 6.35
CA SER A 13 -3.25 3.60 5.93
C SER A 13 -2.36 3.40 4.71
N GLU A 14 -1.07 3.68 4.86
CA GLU A 14 -0.12 3.53 3.75
C GLU A 14 0.30 2.08 3.60
N CYS A 15 0.40 1.62 2.36
CA CYS A 15 0.79 0.25 2.08
C CYS A 15 2.30 0.08 2.23
N GLN A 16 2.73 -0.21 3.45
CA GLN A 16 4.15 -0.41 3.75
C GLN A 16 4.78 -1.38 2.75
N GLU A 17 3.95 -2.18 2.10
CA GLU A 17 4.42 -3.15 1.13
C GLU A 17 5.03 -2.46 -0.08
N CYS A 18 4.24 -1.61 -0.73
CA CYS A 18 4.70 -0.88 -1.91
C CYS A 18 4.93 0.59 -1.58
N GLY A 19 4.03 1.17 -0.79
CA GLY A 19 4.15 2.56 -0.40
C GLY A 19 3.03 3.42 -0.98
N LYS A 20 1.83 2.86 -1.04
CA LYS A 20 0.68 3.57 -1.58
C LYS A 20 -0.22 4.07 -0.45
N ILE A 21 -0.32 5.38 -0.30
CA ILE A 21 -1.14 5.99 0.73
C ILE A 21 -2.62 5.94 0.35
N PHE A 22 -3.46 5.61 1.33
CA PHE A 22 -4.90 5.54 1.10
C PHE A 22 -5.66 6.36 2.13
N ARG A 23 -6.64 7.13 1.66
CA ARG A 23 -7.45 7.96 2.55
C ARG A 23 -7.87 7.18 3.80
N HIS A 24 -8.72 6.17 3.58
CA HIS A 24 -9.20 5.34 4.69
C HIS A 24 -8.72 3.90 4.54
N SER A 25 -8.45 3.25 5.67
CA SER A 25 -7.98 1.87 5.67
C SER A 25 -8.64 1.08 4.55
N SER A 26 -9.97 1.08 4.54
CA SER A 26 -10.74 0.36 3.53
C SER A 26 -10.00 0.36 2.19
N LEU A 27 -9.83 1.55 1.62
CA LEU A 27 -9.14 1.69 0.34
C LEU A 27 -7.89 0.83 0.29
N LEU A 28 -7.09 0.90 1.34
CA LEU A 28 -5.86 0.11 1.43
C LEU A 28 -6.17 -1.38 1.53
N ILE A 29 -7.25 -1.71 2.24
CA ILE A 29 -7.66 -3.10 2.41
C ILE A 29 -7.94 -3.76 1.06
N GLU A 30 -8.55 -2.99 0.17
CA GLU A 30 -8.88 -3.51 -1.16
C GLU A 30 -7.63 -3.62 -2.03
N HIS A 31 -6.70 -2.70 -1.83
CA HIS A 31 -5.45 -2.68 -2.59
C HIS A 31 -4.55 -3.83 -2.16
N GLN A 32 -4.36 -3.99 -0.86
CA GLN A 32 -3.52 -5.05 -0.32
C GLN A 32 -3.82 -6.38 -1.00
N ALA A 33 -5.10 -6.70 -1.11
CA ALA A 33 -5.53 -7.94 -1.74
C ALA A 33 -4.69 -8.25 -2.98
N LEU A 34 -4.37 -7.20 -3.74
CA LEU A 34 -3.58 -7.35 -4.95
C LEU A 34 -2.23 -8.00 -4.65
N HIS A 35 -1.60 -7.57 -3.56
CA HIS A 35 -0.31 -8.11 -3.17
C HIS A 35 -0.43 -9.58 -2.78
N ALA A 36 -1.46 -9.90 -2.01
CA ALA A 36 -1.70 -11.27 -1.58
C ALA A 36 -1.69 -12.23 -2.76
N GLY A 37 -0.59 -12.96 -2.91
CA GLY A 37 -0.48 -13.90 -4.01
C GLY A 37 0.94 -14.02 -4.53
N GLU A 38 1.29 -13.17 -5.47
CA GLU A 38 2.63 -13.18 -6.06
C GLU A 38 3.43 -11.94 -5.65
N SER A 39 4.03 -11.99 -4.46
CA SER A 39 4.81 -10.87 -3.95
C SER A 39 6.24 -10.93 -4.47
N GLY A 40 6.84 -12.12 -4.41
CA GLY A 40 8.20 -12.28 -4.86
C GLY A 40 8.98 -13.26 -4.02
N PRO A 41 9.90 -14.00 -4.65
CA PRO A 41 10.74 -14.98 -3.96
C PRO A 41 11.77 -14.33 -3.04
N SER A 42 11.83 -13.01 -3.08
CA SER A 42 12.77 -12.26 -2.25
C SER A 42 12.04 -11.49 -1.15
N SER A 43 12.65 -11.46 0.03
CA SER A 43 12.06 -10.76 1.17
C SER A 43 12.49 -9.30 1.21
N GLY A 44 11.53 -8.41 1.45
CA GLY A 44 11.84 -6.99 1.50
C GLY A 44 12.37 -6.47 0.18
ZN ZN B . 0.60 -2.09 -1.96
N GLY A 1 9.77 8.85 -10.52
CA GLY A 1 10.63 9.90 -10.04
C GLY A 1 10.05 10.61 -8.82
N SER A 2 10.65 11.74 -8.45
CA SER A 2 10.20 12.51 -7.30
C SER A 2 8.69 12.45 -7.17
N SER A 3 7.99 12.62 -8.30
CA SER A 3 6.53 12.59 -8.31
C SER A 3 6.01 11.25 -7.79
N GLY A 4 4.89 11.31 -7.07
CA GLY A 4 4.32 10.10 -6.52
C GLY A 4 3.80 10.28 -5.11
N SER A 5 4.71 10.55 -4.18
CA SER A 5 4.33 10.75 -2.77
C SER A 5 3.40 11.95 -2.64
N SER A 6 2.12 11.67 -2.39
CA SER A 6 1.12 12.71 -2.22
C SER A 6 0.83 12.97 -0.75
N GLY A 7 0.34 11.94 -0.07
CA GLY A 7 0.02 12.07 1.34
C GLY A 7 1.23 12.43 2.18
N ALA A 8 1.03 13.31 3.15
CA ALA A 8 2.12 13.73 4.03
C ALA A 8 2.05 13.02 5.37
N ALA A 9 0.85 12.94 5.94
CA ALA A 9 0.67 12.28 7.23
C ALA A 9 0.91 10.78 7.12
N LYS A 10 1.76 10.26 8.00
CA LYS A 10 2.09 8.84 8.00
C LYS A 10 0.95 8.02 8.63
N THR A 11 0.37 8.55 9.69
CA THR A 11 -0.72 7.87 10.38
C THR A 11 -1.74 7.32 9.38
N THR A 12 -1.74 7.89 8.18
CA THR A 12 -2.67 7.45 7.14
C THR A 12 -2.50 5.97 6.84
N SER A 13 -3.51 5.39 6.19
CA SER A 13 -3.47 3.97 5.84
C SER A 13 -2.57 3.73 4.63
N GLU A 14 -1.29 4.08 4.77
CA GLU A 14 -0.34 3.90 3.69
C GLU A 14 0.19 2.47 3.66
N CYS A 15 0.35 1.94 2.46
CA CYS A 15 0.84 0.57 2.29
C CYS A 15 2.36 0.51 2.47
N GLN A 16 2.79 -0.01 3.61
CA GLN A 16 4.22 -0.12 3.91
C GLN A 16 4.90 -1.08 2.94
N GLU A 17 4.10 -1.91 2.27
CA GLU A 17 4.63 -2.88 1.31
C GLU A 17 5.18 -2.18 0.08
N CYS A 18 4.37 -1.30 -0.51
CA CYS A 18 4.77 -0.56 -1.70
C CYS A 18 4.98 0.91 -1.39
N GLY A 19 4.05 1.48 -0.60
CA GLY A 19 4.16 2.88 -0.23
C GLY A 19 3.07 3.73 -0.86
N LYS A 20 1.84 3.20 -0.87
CA LYS A 20 0.71 3.91 -1.44
C LYS A 20 -0.23 4.40 -0.35
N ILE A 21 -0.37 5.72 -0.25
CA ILE A 21 -1.24 6.32 0.76
C ILE A 21 -2.71 6.13 0.39
N PHE A 22 -3.54 5.86 1.39
CA PHE A 22 -4.96 5.66 1.17
C PHE A 22 -5.78 6.48 2.17
N ARG A 23 -6.79 7.19 1.66
CA ARG A 23 -7.64 8.01 2.50
C ARG A 23 -8.08 7.24 3.75
N HIS A 24 -8.80 6.14 3.54
CA HIS A 24 -9.28 5.32 4.65
C HIS A 24 -8.72 3.90 4.56
N SER A 25 -8.98 3.10 5.58
CA SER A 25 -8.51 1.72 5.61
C SER A 25 -9.08 0.93 4.44
N SER A 26 -10.41 0.90 4.34
CA SER A 26 -11.08 0.16 3.27
C SER A 26 -10.26 0.22 1.99
N LEU A 27 -9.94 1.43 1.55
CA LEU A 27 -9.15 1.61 0.32
C LEU A 27 -7.90 0.74 0.34
N LEU A 28 -7.15 0.82 1.44
CA LEU A 28 -5.92 0.05 1.58
C LEU A 28 -6.23 -1.45 1.65
N ILE A 29 -7.36 -1.78 2.26
CA ILE A 29 -7.78 -3.17 2.39
C ILE A 29 -7.99 -3.82 1.03
N GLU A 30 -8.58 -3.06 0.11
CA GLU A 30 -8.84 -3.55 -1.24
C GLU A 30 -7.55 -3.61 -2.05
N HIS A 31 -6.65 -2.68 -1.79
CA HIS A 31 -5.38 -2.62 -2.50
C HIS A 31 -4.45 -3.74 -2.03
N GLN A 32 -4.41 -3.98 -0.72
CA GLN A 32 -3.57 -5.02 -0.15
C GLN A 32 -3.83 -6.36 -0.81
N ALA A 33 -5.10 -6.70 -0.99
CA ALA A 33 -5.49 -7.95 -1.62
C ALA A 33 -4.61 -8.25 -2.82
N LEU A 34 -4.29 -7.21 -3.59
CA LEU A 34 -3.45 -7.36 -4.78
C LEU A 34 -2.12 -8.01 -4.42
N HIS A 35 -1.53 -7.59 -3.30
CA HIS A 35 -0.26 -8.12 -2.86
C HIS A 35 -0.40 -9.60 -2.48
N ALA A 36 -1.39 -9.90 -1.66
CA ALA A 36 -1.64 -11.27 -1.22
C ALA A 36 -2.50 -12.02 -2.23
N GLY A 37 -1.87 -12.85 -3.06
CA GLY A 37 -2.60 -13.62 -4.04
C GLY A 37 -1.88 -14.88 -4.44
N GLU A 38 -1.39 -14.93 -5.68
CA GLU A 38 -0.68 -16.09 -6.17
C GLU A 38 0.82 -15.85 -6.21
N SER A 39 1.58 -16.72 -5.54
CA SER A 39 3.03 -16.60 -5.50
C SER A 39 3.70 -17.81 -6.15
N GLY A 40 4.96 -17.63 -6.53
CA GLY A 40 5.69 -18.71 -7.18
C GLY A 40 5.34 -18.88 -8.64
N PRO A 41 6.00 -18.08 -9.50
CA PRO A 41 5.76 -18.12 -10.94
C PRO A 41 6.28 -19.40 -11.58
N SER A 42 6.81 -20.30 -10.75
CA SER A 42 7.34 -21.57 -11.23
C SER A 42 6.46 -22.16 -12.32
N SER A 43 5.14 -22.12 -12.09
CA SER A 43 4.18 -22.65 -13.05
C SER A 43 4.37 -24.16 -13.23
N GLY A 44 4.55 -24.86 -12.11
CA GLY A 44 4.73 -26.30 -12.16
C GLY A 44 5.77 -26.72 -13.19
ZN ZN B . 0.69 -2.02 -1.60
N GLY A 1 7.63 12.72 -10.04
CA GLY A 1 7.31 14.14 -10.08
C GLY A 1 5.86 14.39 -10.48
N SER A 2 4.94 13.93 -9.66
CA SER A 2 3.51 14.10 -9.92
C SER A 2 2.94 15.24 -9.09
N SER A 3 2.97 16.45 -9.64
CA SER A 3 2.45 17.63 -8.95
C SER A 3 1.00 17.42 -8.54
N GLY A 4 0.58 18.13 -7.50
CA GLY A 4 -0.78 18.00 -7.02
C GLY A 4 -0.89 17.16 -5.77
N SER A 5 -1.79 16.18 -5.80
CA SER A 5 -1.99 15.30 -4.65
C SER A 5 -0.66 14.73 -4.16
N SER A 6 -0.11 15.34 -3.11
CA SER A 6 1.17 14.90 -2.55
C SER A 6 0.94 14.05 -1.30
N GLY A 7 0.72 12.75 -1.50
CA GLY A 7 0.50 11.86 -0.38
C GLY A 7 -0.37 12.48 0.70
N ALA A 8 -0.21 12.02 1.94
CA ALA A 8 -0.97 12.55 3.05
C ALA A 8 -0.18 12.48 4.35
N ALA A 9 -0.75 13.03 5.42
CA ALA A 9 -0.09 13.03 6.72
C ALA A 9 0.47 11.65 7.06
N LYS A 10 1.32 11.60 8.07
CA LYS A 10 1.93 10.34 8.50
C LYS A 10 0.85 9.36 8.98
N THR A 11 -0.02 9.83 9.87
CA THR A 11 -1.09 9.01 10.40
C THR A 11 -2.14 8.71 9.35
N THR A 12 -1.79 7.82 8.41
CA THR A 12 -2.71 7.45 7.34
C THR A 12 -2.51 6.00 6.92
N SER A 13 -3.55 5.39 6.37
CA SER A 13 -3.49 4.01 5.93
C SER A 13 -2.59 3.86 4.70
N GLU A 14 -1.31 3.66 4.93
CA GLU A 14 -0.36 3.51 3.84
C GLU A 14 0.13 2.07 3.73
N CYS A 15 0.30 1.59 2.51
CA CYS A 15 0.77 0.23 2.27
C CYS A 15 2.29 0.13 2.43
N GLN A 16 2.72 -0.47 3.53
CA GLN A 16 4.14 -0.62 3.80
C GLN A 16 4.79 -1.55 2.78
N GLU A 17 3.97 -2.33 2.09
CA GLU A 17 4.46 -3.26 1.08
C GLU A 17 5.07 -2.51 -0.10
N CYS A 18 4.34 -1.55 -0.64
CA CYS A 18 4.81 -0.77 -1.77
C CYS A 18 4.99 0.70 -1.37
N GLY A 19 4.06 1.22 -0.58
CA GLY A 19 4.14 2.59 -0.14
C GLY A 19 3.04 3.45 -0.74
N LYS A 20 1.83 2.92 -0.80
CA LYS A 20 0.70 3.64 -1.36
C LYS A 20 -0.24 4.12 -0.26
N ILE A 21 -0.30 5.44 -0.08
CA ILE A 21 -1.15 6.02 0.95
C ILE A 21 -2.62 5.96 0.54
N PHE A 22 -3.49 5.64 1.50
CA PHE A 22 -4.91 5.55 1.25
C PHE A 22 -5.71 6.35 2.28
N ARG A 23 -6.74 7.04 1.82
CA ARG A 23 -7.58 7.84 2.69
C ARG A 23 -8.04 7.04 3.90
N HIS A 24 -8.92 6.07 3.66
CA HIS A 24 -9.43 5.21 4.73
C HIS A 24 -8.92 3.79 4.59
N SER A 25 -8.62 3.15 5.71
CA SER A 25 -8.11 1.79 5.70
C SER A 25 -8.75 0.97 4.58
N SER A 26 -10.08 0.96 4.54
CA SER A 26 -10.81 0.22 3.52
C SER A 26 -10.05 0.25 2.19
N LEU A 27 -9.90 1.44 1.63
CA LEU A 27 -9.20 1.61 0.36
C LEU A 27 -7.94 0.74 0.32
N LEU A 28 -7.14 0.85 1.37
CA LEU A 28 -5.90 0.09 1.46
C LEU A 28 -6.19 -1.42 1.54
N ILE A 29 -7.25 -1.77 2.25
CA ILE A 29 -7.63 -3.16 2.40
C ILE A 29 -7.85 -3.82 1.05
N GLU A 30 -8.47 -3.09 0.13
CA GLU A 30 -8.73 -3.60 -1.21
C GLU A 30 -7.46 -3.65 -2.05
N HIS A 31 -6.59 -2.68 -1.83
CA HIS A 31 -5.32 -2.61 -2.55
C HIS A 31 -4.40 -3.76 -2.14
N GLN A 32 -4.24 -3.95 -0.84
CA GLN A 32 -3.39 -5.00 -0.33
C GLN A 32 -3.68 -6.34 -1.01
N ALA A 33 -4.97 -6.64 -1.16
CA ALA A 33 -5.39 -7.88 -1.80
C ALA A 33 -4.57 -8.14 -3.07
N LEU A 34 -4.37 -7.10 -3.86
CA LEU A 34 -3.61 -7.22 -5.10
C LEU A 34 -2.27 -7.90 -4.86
N HIS A 35 -1.62 -7.52 -3.75
CA HIS A 35 -0.32 -8.09 -3.40
C HIS A 35 -0.44 -9.59 -3.17
N ALA A 36 -1.36 -9.98 -2.29
CA ALA A 36 -1.58 -11.39 -1.98
C ALA A 36 -1.56 -12.25 -3.24
N GLY A 37 -2.46 -11.95 -4.17
CA GLY A 37 -2.53 -12.70 -5.41
C GLY A 37 -3.60 -12.18 -6.34
N GLU A 38 -3.30 -12.15 -7.64
CA GLU A 38 -4.23 -11.67 -8.64
C GLU A 38 -4.61 -12.78 -9.61
N SER A 39 -3.60 -13.39 -10.22
CA SER A 39 -3.84 -14.47 -11.18
C SER A 39 -3.41 -15.82 -10.59
N GLY A 40 -2.31 -15.80 -9.85
CA GLY A 40 -1.82 -17.04 -9.24
C GLY A 40 -1.33 -16.81 -7.81
N PRO A 41 -2.26 -16.85 -6.86
CA PRO A 41 -1.94 -16.65 -5.44
C PRO A 41 -1.16 -17.83 -4.86
N SER A 42 -0.84 -17.74 -3.57
CA SER A 42 -0.10 -18.80 -2.89
C SER A 42 -1.03 -19.65 -2.02
N SER A 43 -1.45 -20.78 -2.55
CA SER A 43 -2.35 -21.67 -1.82
C SER A 43 -1.62 -22.97 -1.44
N GLY A 44 -0.38 -22.83 -1.02
CA GLY A 44 0.41 -23.99 -0.63
C GLY A 44 0.74 -24.90 -1.81
ZN ZN B . 0.95 -2.10 -1.72
N GLY A 1 13.93 11.62 -4.28
CA GLY A 1 13.70 10.47 -3.41
C GLY A 1 14.97 10.02 -2.70
N SER A 2 15.69 10.98 -2.14
CA SER A 2 16.93 10.69 -1.43
C SER A 2 16.73 10.82 0.08
N SER A 3 16.22 11.96 0.51
CA SER A 3 15.99 12.21 1.94
C SER A 3 14.80 11.39 2.44
N GLY A 4 13.72 11.41 1.67
CA GLY A 4 12.53 10.67 2.05
C GLY A 4 11.27 11.21 1.40
N SER A 5 10.29 10.33 1.18
CA SER A 5 9.04 10.74 0.57
C SER A 5 8.16 11.50 1.56
N SER A 6 7.58 12.60 1.10
CA SER A 6 6.72 13.43 1.93
C SER A 6 5.25 13.17 1.63
N GLY A 7 4.69 12.16 2.28
CA GLY A 7 3.29 11.83 2.06
C GLY A 7 2.41 12.25 3.23
N ALA A 8 2.80 11.88 4.44
CA ALA A 8 2.04 12.23 5.63
C ALA A 8 2.81 11.86 6.89
N ALA A 9 2.20 12.11 8.05
CA ALA A 9 2.82 11.81 9.33
C ALA A 9 2.67 10.32 9.68
N LYS A 10 2.86 9.47 8.68
CA LYS A 10 2.74 8.03 8.88
C LYS A 10 1.54 7.70 9.76
N THR A 11 0.41 8.34 9.48
CA THR A 11 -0.80 8.11 10.25
C THR A 11 -1.93 7.60 9.36
N THR A 12 -1.84 7.91 8.07
CA THR A 12 -2.85 7.47 7.11
C THR A 12 -2.70 6.00 6.76
N SER A 13 -3.75 5.41 6.20
CA SER A 13 -3.73 4.01 5.83
C SER A 13 -2.86 3.78 4.61
N GLU A 14 -1.56 4.01 4.76
CA GLU A 14 -0.61 3.84 3.67
C GLU A 14 -0.10 2.40 3.63
N CYS A 15 0.22 1.93 2.43
CA CYS A 15 0.73 0.57 2.26
C CYS A 15 2.25 0.54 2.40
N GLN A 16 2.71 -0.05 3.50
CA GLN A 16 4.15 -0.14 3.76
C GLN A 16 4.82 -1.08 2.75
N GLU A 17 4.02 -1.91 2.10
CA GLU A 17 4.54 -2.86 1.11
C GLU A 17 5.13 -2.13 -0.08
N CYS A 18 4.34 -1.21 -0.64
CA CYS A 18 4.78 -0.44 -1.81
C CYS A 18 4.94 1.03 -1.45
N GLY A 19 4.00 1.55 -0.65
CA GLY A 19 4.06 2.94 -0.25
C GLY A 19 2.92 3.75 -0.83
N LYS A 20 1.76 3.12 -0.98
CA LYS A 20 0.58 3.79 -1.53
C LYS A 20 -0.32 4.29 -0.40
N ILE A 21 -0.58 5.59 -0.40
CA ILE A 21 -1.43 6.20 0.62
C ILE A 21 -2.90 6.10 0.23
N PHE A 22 -3.75 5.78 1.20
CA PHE A 22 -5.17 5.66 0.96
C PHE A 22 -5.98 6.46 1.98
N ARG A 23 -6.95 7.21 1.50
CA ARG A 23 -7.80 8.03 2.38
C ARG A 23 -8.26 7.22 3.58
N HIS A 24 -9.13 6.25 3.34
CA HIS A 24 -9.65 5.42 4.42
C HIS A 24 -9.09 4.00 4.34
N SER A 25 -8.78 3.42 5.49
CA SER A 25 -8.22 2.08 5.54
C SER A 25 -8.81 1.20 4.44
N SER A 26 -10.14 1.16 4.38
CA SER A 26 -10.83 0.35 3.37
C SER A 26 -10.04 0.33 2.06
N LEU A 27 -9.95 1.49 1.42
CA LEU A 27 -9.24 1.61 0.16
C LEU A 27 -7.95 0.80 0.18
N LEU A 28 -7.20 0.91 1.27
CA LEU A 28 -5.95 0.18 1.42
C LEU A 28 -6.21 -1.32 1.58
N ILE A 29 -7.31 -1.66 2.23
CA ILE A 29 -7.68 -3.05 2.44
C ILE A 29 -7.84 -3.78 1.11
N GLU A 30 -8.49 -3.13 0.15
CA GLU A 30 -8.71 -3.72 -1.16
C GLU A 30 -7.40 -3.78 -1.96
N HIS A 31 -6.56 -2.77 -1.77
CA HIS A 31 -5.28 -2.71 -2.47
C HIS A 31 -4.33 -3.81 -1.96
N GLN A 32 -4.22 -3.93 -0.65
CA GLN A 32 -3.35 -4.93 -0.04
C GLN A 32 -3.62 -6.31 -0.64
N ALA A 33 -4.90 -6.66 -0.78
CA ALA A 33 -5.29 -7.94 -1.33
C ALA A 33 -4.44 -8.29 -2.54
N LEU A 34 -4.17 -7.29 -3.38
CA LEU A 34 -3.37 -7.49 -4.59
C LEU A 34 -2.01 -8.09 -4.24
N HIS A 35 -1.42 -7.62 -3.15
CA HIS A 35 -0.12 -8.11 -2.71
C HIS A 35 -0.20 -9.58 -2.32
N ALA A 36 -1.17 -9.91 -1.47
CA ALA A 36 -1.34 -11.29 -1.02
C ALA A 36 -1.04 -12.28 -2.14
N GLY A 37 -1.47 -11.95 -3.35
CA GLY A 37 -1.24 -12.82 -4.49
C GLY A 37 0.24 -13.10 -4.71
N GLU A 38 0.59 -13.51 -5.93
CA GLU A 38 1.97 -13.81 -6.27
C GLU A 38 2.73 -12.53 -6.60
N SER A 39 2.57 -11.51 -5.76
CA SER A 39 3.24 -10.24 -5.97
C SER A 39 4.46 -10.12 -5.06
N GLY A 40 5.64 -10.40 -5.60
CA GLY A 40 6.87 -10.32 -4.83
C GLY A 40 8.02 -9.76 -5.63
N PRO A 41 8.89 -8.99 -4.98
CA PRO A 41 10.06 -8.37 -5.61
C PRO A 41 11.12 -9.40 -6.01
N SER A 42 12.15 -8.94 -6.69
CA SER A 42 13.22 -9.83 -7.13
C SER A 42 14.14 -10.21 -5.95
N SER A 43 13.73 -11.23 -5.21
CA SER A 43 14.50 -11.70 -4.06
C SER A 43 15.43 -12.83 -4.45
N GLY A 44 16.52 -12.98 -3.71
CA GLY A 44 17.48 -14.03 -3.99
C GLY A 44 17.21 -15.29 -3.20
ZN ZN B . 1.00 -1.89 -1.66
N GLY A 1 15.02 11.50 -13.09
CA GLY A 1 15.72 10.46 -12.36
C GLY A 1 15.80 10.74 -10.88
N SER A 2 14.74 10.39 -10.15
CA SER A 2 14.69 10.61 -8.71
C SER A 2 13.47 9.94 -8.10
N SER A 3 13.67 9.22 -7.01
CA SER A 3 12.58 8.53 -6.33
C SER A 3 11.42 9.48 -6.05
N GLY A 4 10.20 8.95 -6.10
CA GLY A 4 9.03 9.77 -5.86
C GLY A 4 8.26 9.32 -4.63
N SER A 5 8.61 9.87 -3.47
CA SER A 5 7.95 9.52 -2.22
C SER A 5 6.71 10.38 -2.00
N SER A 6 5.80 9.89 -1.17
CA SER A 6 4.57 10.61 -0.87
C SER A 6 4.01 10.20 0.48
N GLY A 7 3.24 11.08 1.10
CA GLY A 7 2.65 10.79 2.39
C GLY A 7 3.47 11.34 3.54
N ALA A 8 3.40 12.64 3.75
CA ALA A 8 4.14 13.29 4.82
C ALA A 8 3.86 12.62 6.16
N ALA A 9 4.70 12.90 7.15
CA ALA A 9 4.55 12.33 8.48
C ALA A 9 3.11 12.47 8.97
N LYS A 10 2.36 11.38 8.91
CA LYS A 10 0.96 11.38 9.35
C LYS A 10 0.42 9.96 9.45
N THR A 11 -0.53 9.75 10.35
CA THR A 11 -1.14 8.44 10.54
C THR A 11 -2.16 8.13 9.46
N THR A 12 -1.68 7.54 8.35
CA THR A 12 -2.56 7.20 7.24
C THR A 12 -2.43 5.73 6.88
N SER A 13 -3.46 5.20 6.21
CA SER A 13 -3.46 3.80 5.81
C SER A 13 -2.58 3.58 4.59
N GLU A 14 -1.28 3.82 4.76
CA GLU A 14 -0.33 3.65 3.66
C GLU A 14 0.17 2.21 3.60
N CYS A 15 0.37 1.71 2.38
CA CYS A 15 0.84 0.35 2.18
C CYS A 15 2.37 0.28 2.32
N GLN A 16 2.82 -0.36 3.39
CA GLN A 16 4.25 -0.50 3.64
C GLN A 16 4.89 -1.45 2.64
N GLU A 17 4.06 -2.27 2.00
CA GLU A 17 4.54 -3.23 1.02
C GLU A 17 5.12 -2.52 -0.19
N CYS A 18 4.40 -1.52 -0.70
CA CYS A 18 4.84 -0.76 -1.86
C CYS A 18 5.02 0.72 -1.51
N GLY A 19 4.10 1.24 -0.71
CA GLY A 19 4.18 2.64 -0.31
C GLY A 19 3.07 3.48 -0.91
N LYS A 20 1.85 2.92 -0.92
CA LYS A 20 0.70 3.63 -1.47
C LYS A 20 -0.21 4.15 -0.35
N ILE A 21 -0.36 5.45 -0.29
CA ILE A 21 -1.21 6.08 0.73
C ILE A 21 -2.68 5.99 0.36
N PHE A 22 -3.52 5.65 1.34
CA PHE A 22 -4.96 5.53 1.11
C PHE A 22 -5.74 6.33 2.14
N ARG A 23 -6.70 7.12 1.66
CA ARG A 23 -7.52 7.94 2.54
C ARG A 23 -7.98 7.15 3.76
N HIS A 24 -8.87 6.19 3.54
CA HIS A 24 -9.38 5.36 4.62
C HIS A 24 -8.84 3.94 4.53
N SER A 25 -8.65 3.30 5.67
CA SER A 25 -8.13 1.94 5.71
C SER A 25 -8.74 1.09 4.61
N SER A 26 -10.07 1.09 4.53
CA SER A 26 -10.79 0.32 3.51
C SER A 26 -10.00 0.29 2.20
N LEU A 27 -9.82 1.46 1.61
CA LEU A 27 -9.09 1.58 0.35
C LEU A 27 -7.84 0.70 0.37
N LEU A 28 -7.07 0.80 1.45
CA LEU A 28 -5.85 0.02 1.59
C LEU A 28 -6.16 -1.47 1.66
N ILE A 29 -7.27 -1.81 2.29
CA ILE A 29 -7.69 -3.21 2.41
C ILE A 29 -7.95 -3.83 1.04
N GLU A 30 -8.53 -3.03 0.14
CA GLU A 30 -8.83 -3.51 -1.21
C GLU A 30 -7.56 -3.61 -2.04
N HIS A 31 -6.60 -2.75 -1.75
CA HIS A 31 -5.33 -2.74 -2.49
C HIS A 31 -4.43 -3.89 -2.04
N GLN A 32 -4.32 -4.06 -0.73
CA GLN A 32 -3.50 -5.13 -0.17
C GLN A 32 -3.81 -6.46 -0.83
N ALA A 33 -5.08 -6.66 -1.17
CA ALA A 33 -5.51 -7.90 -1.81
C ALA A 33 -4.67 -8.19 -3.06
N LEU A 34 -4.35 -7.16 -3.81
CA LEU A 34 -3.56 -7.31 -5.02
C LEU A 34 -2.23 -8.00 -4.71
N HIS A 35 -1.64 -7.65 -3.58
CA HIS A 35 -0.36 -8.23 -3.17
C HIS A 35 -0.51 -9.73 -2.91
N ALA A 36 -1.49 -10.08 -2.09
CA ALA A 36 -1.74 -11.48 -1.75
C ALA A 36 -2.21 -12.26 -2.98
N GLY A 37 -1.26 -12.88 -3.68
CA GLY A 37 -1.60 -13.65 -4.86
C GLY A 37 -0.41 -14.41 -5.41
N GLU A 38 -0.09 -14.17 -6.67
CA GLU A 38 1.03 -14.85 -7.32
C GLU A 38 2.34 -14.54 -6.60
N SER A 39 2.73 -15.42 -5.68
CA SER A 39 3.96 -15.23 -4.91
C SER A 39 5.17 -15.22 -5.84
N GLY A 40 5.26 -16.24 -6.68
CA GLY A 40 6.38 -16.34 -7.61
C GLY A 40 7.09 -17.69 -7.53
N PRO A 41 7.50 -18.21 -8.70
CA PRO A 41 8.19 -19.51 -8.78
C PRO A 41 9.59 -19.45 -8.19
N SER A 42 10.23 -20.60 -8.08
CA SER A 42 11.58 -20.70 -7.53
C SER A 42 11.70 -19.85 -6.27
N SER A 43 10.76 -20.01 -5.35
CA SER A 43 10.75 -19.26 -4.11
C SER A 43 11.62 -19.95 -3.06
N GLY A 44 11.34 -21.23 -2.82
CA GLY A 44 12.10 -21.99 -1.83
C GLY A 44 11.60 -21.77 -0.42
ZN ZN B . 0.82 -2.17 -1.72
N GLY A 1 12.63 16.31 -13.15
CA GLY A 1 12.65 15.34 -14.22
C GLY A 1 11.26 14.76 -14.49
N SER A 2 10.61 14.28 -13.45
CA SER A 2 9.27 13.70 -13.58
C SER A 2 8.48 13.86 -12.29
N SER A 3 7.17 14.08 -12.44
CA SER A 3 6.29 14.26 -11.29
C SER A 3 6.50 13.14 -10.27
N GLY A 4 6.72 13.52 -9.01
CA GLY A 4 6.92 12.54 -7.96
C GLY A 4 6.59 13.09 -6.59
N SER A 5 5.30 13.17 -6.28
CA SER A 5 4.85 13.69 -4.99
C SER A 5 4.84 12.58 -3.94
N SER A 6 4.70 12.98 -2.68
CA SER A 6 4.69 12.02 -1.58
C SER A 6 3.61 12.38 -0.57
N GLY A 7 3.39 11.49 0.40
CA GLY A 7 2.39 11.74 1.42
C GLY A 7 2.91 12.58 2.56
N ALA A 8 2.01 13.31 3.21
CA ALA A 8 2.40 14.16 4.34
C ALA A 8 1.87 13.59 5.66
N ALA A 9 0.56 13.38 5.72
CA ALA A 9 -0.07 12.84 6.93
C ALA A 9 0.52 11.49 7.29
N LYS A 10 1.36 11.46 8.32
CA LYS A 10 1.98 10.21 8.76
C LYS A 10 0.93 9.17 9.10
N THR A 11 0.04 9.51 10.03
CA THR A 11 -1.01 8.60 10.44
C THR A 11 -2.03 8.38 9.32
N THR A 12 -1.73 7.42 8.45
CA THR A 12 -2.62 7.12 7.33
C THR A 12 -2.51 5.64 6.93
N SER A 13 -3.54 5.14 6.26
CA SER A 13 -3.55 3.74 5.82
C SER A 13 -2.63 3.54 4.63
N GLU A 14 -1.33 3.71 4.86
CA GLU A 14 -0.34 3.55 3.80
C GLU A 14 0.09 2.08 3.69
N CYS A 15 0.35 1.64 2.46
CA CYS A 15 0.79 0.28 2.22
C CYS A 15 2.29 0.14 2.36
N GLN A 16 2.74 -0.13 3.59
CA GLN A 16 4.17 -0.28 3.87
C GLN A 16 4.81 -1.23 2.87
N GLU A 17 3.99 -2.06 2.22
CA GLU A 17 4.49 -3.02 1.24
C GLU A 17 5.11 -2.30 0.04
N CYS A 18 4.32 -1.47 -0.63
CA CYS A 18 4.78 -0.72 -1.78
C CYS A 18 4.98 0.75 -1.43
N GLY A 19 4.07 1.29 -0.63
CA GLY A 19 4.16 2.69 -0.25
C GLY A 19 3.06 3.54 -0.85
N LYS A 20 1.85 2.98 -0.91
CA LYS A 20 0.71 3.68 -1.47
C LYS A 20 -0.24 4.15 -0.36
N ILE A 21 -0.33 5.47 -0.18
CA ILE A 21 -1.20 6.04 0.83
C ILE A 21 -2.66 5.98 0.42
N PHE A 22 -3.53 5.67 1.37
CA PHE A 22 -4.96 5.57 1.09
C PHE A 22 -5.76 6.40 2.10
N ARG A 23 -6.79 7.09 1.60
CA ARG A 23 -7.62 7.92 2.46
C ARG A 23 -8.06 7.15 3.70
N HIS A 24 -8.87 6.12 3.51
CA HIS A 24 -9.36 5.31 4.61
C HIS A 24 -8.87 3.87 4.48
N SER A 25 -8.55 3.25 5.62
CA SER A 25 -8.06 1.88 5.64
C SER A 25 -8.73 1.05 4.54
N SER A 26 -10.06 1.04 4.53
CA SER A 26 -10.81 0.30 3.53
C SER A 26 -10.09 0.31 2.19
N LEU A 27 -9.88 1.50 1.65
CA LEU A 27 -9.20 1.65 0.36
C LEU A 27 -7.94 0.80 0.31
N LEU A 28 -7.14 0.87 1.37
CA LEU A 28 -5.90 0.10 1.44
C LEU A 28 -6.19 -1.39 1.57
N ILE A 29 -7.28 -1.72 2.27
CA ILE A 29 -7.66 -3.10 2.47
C ILE A 29 -7.88 -3.81 1.13
N GLU A 30 -8.53 -3.12 0.21
CA GLU A 30 -8.81 -3.68 -1.12
C GLU A 30 -7.53 -3.74 -1.95
N HIS A 31 -6.67 -2.75 -1.78
CA HIS A 31 -5.41 -2.68 -2.52
C HIS A 31 -4.48 -3.81 -2.09
N GLN A 32 -4.29 -3.95 -0.78
CA GLN A 32 -3.42 -4.99 -0.24
C GLN A 32 -3.72 -6.34 -0.89
N ALA A 33 -5.00 -6.61 -1.12
CA ALA A 33 -5.42 -7.87 -1.72
C ALA A 33 -4.62 -8.16 -2.99
N LEU A 34 -4.35 -7.12 -3.77
CA LEU A 34 -3.59 -7.27 -5.01
C LEU A 34 -2.24 -7.93 -4.74
N HIS A 35 -1.61 -7.55 -3.63
CA HIS A 35 -0.31 -8.11 -3.26
C HIS A 35 -0.42 -9.62 -3.03
N ALA A 36 -1.55 -10.06 -2.48
CA ALA A 36 -1.77 -11.47 -2.22
C ALA A 36 -2.31 -12.18 -3.45
N GLY A 37 -1.67 -11.95 -4.59
CA GLY A 37 -2.10 -12.57 -5.83
C GLY A 37 -0.95 -13.19 -6.60
N GLU A 38 -0.21 -14.09 -5.96
CA GLU A 38 0.93 -14.74 -6.59
C GLU A 38 0.78 -16.26 -6.54
N SER A 39 1.62 -16.96 -7.30
CA SER A 39 1.58 -18.41 -7.34
C SER A 39 2.91 -19.00 -6.88
N GLY A 40 2.85 -20.16 -6.22
CA GLY A 40 4.05 -20.81 -5.74
C GLY A 40 3.96 -21.19 -4.28
N PRO A 41 5.11 -21.58 -3.70
CA PRO A 41 5.18 -21.99 -2.29
C PRO A 41 4.96 -20.82 -1.34
N SER A 42 3.72 -20.61 -0.92
CA SER A 42 3.38 -19.52 -0.01
C SER A 42 3.89 -19.82 1.40
N SER A 43 5.02 -19.20 1.76
CA SER A 43 5.60 -19.40 3.09
C SER A 43 5.14 -18.32 4.05
N GLY A 44 5.25 -17.07 3.62
CA GLY A 44 4.84 -15.96 4.47
C GLY A 44 3.33 -15.88 4.63
ZN ZN B . 0.72 -2.10 -1.78
N GLY A 1 20.82 16.28 -0.98
CA GLY A 1 20.41 16.20 -2.36
C GLY A 1 18.95 15.81 -2.50
N SER A 2 18.59 15.25 -3.66
CA SER A 2 17.23 14.84 -3.92
C SER A 2 16.84 13.65 -3.06
N SER A 3 16.08 13.91 -2.00
CA SER A 3 15.65 12.86 -1.08
C SER A 3 14.24 12.38 -1.43
N GLY A 4 13.32 13.34 -1.58
CA GLY A 4 11.94 12.99 -1.90
C GLY A 4 11.12 12.67 -0.68
N SER A 5 9.94 13.28 -0.60
CA SER A 5 9.05 13.06 0.54
C SER A 5 7.58 13.11 0.10
N SER A 6 6.86 12.02 0.35
CA SER A 6 5.45 11.94 -0.01
C SER A 6 4.59 11.67 1.22
N GLY A 7 3.27 11.83 1.05
CA GLY A 7 2.36 11.59 2.15
C GLY A 7 2.86 12.16 3.46
N ALA A 8 3.07 13.48 3.48
CA ALA A 8 3.55 14.16 4.68
C ALA A 8 2.39 14.65 5.53
N ALA A 9 1.95 13.81 6.47
CA ALA A 9 0.85 14.17 7.35
C ALA A 9 0.62 13.08 8.40
N LYS A 10 -0.32 13.33 9.31
CA LYS A 10 -0.64 12.38 10.37
C LYS A 10 -0.71 10.96 9.82
N THR A 11 -0.46 9.98 10.69
CA THR A 11 -0.49 8.58 10.30
C THR A 11 -1.55 8.33 9.23
N THR A 12 -1.21 7.50 8.24
CA THR A 12 -2.14 7.18 7.17
C THR A 12 -2.10 5.69 6.83
N SER A 13 -3.13 5.21 6.15
CA SER A 13 -3.21 3.81 5.77
C SER A 13 -2.36 3.53 4.53
N GLU A 14 -1.07 3.79 4.63
CA GLU A 14 -0.16 3.56 3.52
C GLU A 14 0.28 2.10 3.45
N CYS A 15 0.38 1.58 2.23
CA CYS A 15 0.79 0.19 2.03
C CYS A 15 2.30 0.03 2.23
N GLN A 16 2.68 -0.64 3.31
CA GLN A 16 4.09 -0.87 3.60
C GLN A 16 4.71 -1.82 2.59
N GLU A 17 3.86 -2.56 1.87
CA GLU A 17 4.33 -3.51 0.88
C GLU A 17 4.96 -2.79 -0.32
N CYS A 18 4.23 -1.84 -0.88
CA CYS A 18 4.72 -1.07 -2.02
C CYS A 18 4.98 0.38 -1.63
N GLY A 19 4.08 0.95 -0.83
CA GLY A 19 4.23 2.33 -0.41
C GLY A 19 3.19 3.24 -1.00
N LYS A 20 1.93 2.80 -0.97
CA LYS A 20 0.83 3.59 -1.53
C LYS A 20 -0.05 4.13 -0.40
N ILE A 21 -0.15 5.45 -0.31
CA ILE A 21 -0.98 6.08 0.71
C ILE A 21 -2.45 5.96 0.38
N PHE A 22 -3.27 5.74 1.41
CA PHE A 22 -4.71 5.61 1.22
C PHE A 22 -5.47 6.44 2.25
N ARG A 23 -6.47 7.18 1.78
CA ARG A 23 -7.28 8.02 2.66
C ARG A 23 -7.68 7.26 3.93
N HIS A 24 -8.39 6.14 3.74
CA HIS A 24 -8.83 5.33 4.87
C HIS A 24 -8.33 3.90 4.73
N SER A 25 -8.62 3.07 5.72
CA SER A 25 -8.19 1.68 5.72
C SER A 25 -8.87 0.92 4.58
N SER A 26 -10.20 0.90 4.58
CA SER A 26 -10.95 0.20 3.55
C SER A 26 -10.22 0.26 2.21
N LEU A 27 -9.82 1.47 1.82
CA LEU A 27 -9.11 1.66 0.55
C LEU A 27 -7.89 0.76 0.47
N LEU A 28 -7.05 0.83 1.50
CA LEU A 28 -5.84 0.01 1.54
C LEU A 28 -6.18 -1.47 1.62
N ILE A 29 -7.29 -1.78 2.29
CA ILE A 29 -7.73 -3.16 2.43
C ILE A 29 -7.95 -3.82 1.07
N GLU A 30 -8.58 -3.08 0.16
CA GLU A 30 -8.85 -3.58 -1.17
C GLU A 30 -7.57 -3.65 -2.00
N HIS A 31 -6.68 -2.69 -1.79
CA HIS A 31 -5.42 -2.64 -2.51
C HIS A 31 -4.50 -3.79 -2.09
N GLN A 32 -4.44 -4.03 -0.79
CA GLN A 32 -3.60 -5.10 -0.26
C GLN A 32 -3.85 -6.42 -0.99
N ALA A 33 -5.12 -6.67 -1.31
CA ALA A 33 -5.50 -7.89 -2.01
C ALA A 33 -4.60 -8.12 -3.23
N LEU A 34 -4.30 -7.05 -3.94
CA LEU A 34 -3.46 -7.13 -5.13
C LEU A 34 -2.16 -7.87 -4.82
N HIS A 35 -1.65 -7.69 -3.60
CA HIS A 35 -0.42 -8.34 -3.17
C HIS A 35 -0.69 -9.76 -2.69
N ALA A 36 -1.67 -10.41 -3.29
CA ALA A 36 -2.03 -11.77 -2.92
C ALA A 36 -2.72 -12.50 -4.08
N GLY A 37 -2.75 -13.82 -4.00
CA GLY A 37 -3.38 -14.61 -5.04
C GLY A 37 -3.58 -16.06 -4.65
N GLU A 38 -3.29 -16.97 -5.57
CA GLU A 38 -3.45 -18.39 -5.31
C GLU A 38 -2.24 -18.94 -4.55
N SER A 39 -1.76 -18.17 -3.58
CA SER A 39 -0.60 -18.58 -2.78
C SER A 39 -0.64 -17.92 -1.40
N GLY A 40 0.05 -18.52 -0.45
CA GLY A 40 0.09 -17.98 0.90
C GLY A 40 0.38 -19.03 1.94
N PRO A 41 1.68 -19.30 2.17
CA PRO A 41 2.12 -20.30 3.15
C PRO A 41 1.85 -19.87 4.59
N SER A 42 1.42 -18.62 4.75
CA SER A 42 1.14 -18.07 6.08
C SER A 42 -0.09 -18.74 6.67
N SER A 43 -0.23 -18.63 8.00
CA SER A 43 -1.36 -19.23 8.70
C SER A 43 -2.68 -18.64 8.21
N GLY A 44 -3.63 -19.51 7.93
CA GLY A 44 -4.93 -19.05 7.46
C GLY A 44 -4.90 -18.59 6.01
ZN ZN B . 0.80 -2.24 -1.92
N GLY A 1 11.90 14.20 -5.42
CA GLY A 1 10.85 13.22 -5.17
C GLY A 1 9.49 13.70 -5.62
N SER A 2 8.54 13.73 -4.68
CA SER A 2 7.19 14.19 -4.98
C SER A 2 6.79 15.34 -4.08
N SER A 3 6.26 16.40 -4.69
CA SER A 3 5.84 17.59 -3.94
C SER A 3 4.33 17.56 -3.68
N GLY A 4 3.96 17.52 -2.40
CA GLY A 4 2.56 17.49 -2.05
C GLY A 4 2.07 16.09 -1.70
N SER A 5 2.56 15.56 -0.59
CA SER A 5 2.18 14.22 -0.15
C SER A 5 1.54 14.27 1.24
N SER A 6 0.27 13.87 1.30
CA SER A 6 -0.47 13.86 2.55
C SER A 6 -0.28 12.55 3.30
N GLY A 7 0.96 12.06 3.33
CA GLY A 7 1.26 10.82 4.00
C GLY A 7 2.72 10.70 4.37
N ALA A 8 3.31 11.80 4.82
CA ALA A 8 4.72 11.81 5.20
C ALA A 8 4.87 11.53 6.70
N ALA A 9 4.12 12.24 7.51
CA ALA A 9 4.17 12.07 8.96
C ALA A 9 2.83 11.60 9.51
N LYS A 10 1.78 12.34 9.17
CA LYS A 10 0.42 12.00 9.63
C LYS A 10 0.15 10.51 9.45
N THR A 11 -0.38 9.89 10.49
CA THR A 11 -0.70 8.46 10.46
C THR A 11 -1.77 8.17 9.40
N THR A 12 -1.35 7.53 8.31
CA THR A 12 -2.27 7.19 7.23
C THR A 12 -2.18 5.71 6.89
N SER A 13 -3.17 5.22 6.15
CA SER A 13 -3.21 3.81 5.75
C SER A 13 -2.34 3.58 4.52
N GLU A 14 -1.03 3.78 4.68
CA GLU A 14 -0.09 3.58 3.59
C GLU A 14 0.37 2.13 3.52
N CYS A 15 0.41 1.58 2.31
CA CYS A 15 0.83 0.21 2.11
C CYS A 15 2.34 0.06 2.29
N GLN A 16 2.76 -0.27 3.51
CA GLN A 16 4.17 -0.43 3.82
C GLN A 16 4.84 -1.39 2.84
N GLU A 17 4.02 -2.19 2.16
CA GLU A 17 4.53 -3.16 1.19
C GLU A 17 5.12 -2.45 -0.03
N CYS A 18 4.32 -1.57 -0.62
CA CYS A 18 4.77 -0.82 -1.80
C CYS A 18 4.98 0.65 -1.47
N GLY A 19 4.05 1.21 -0.70
CA GLY A 19 4.16 2.61 -0.32
C GLY A 19 3.06 3.47 -0.94
N LYS A 20 1.85 2.93 -0.97
CA LYS A 20 0.71 3.64 -1.54
C LYS A 20 -0.21 4.15 -0.44
N ILE A 21 -0.26 5.46 -0.25
CA ILE A 21 -1.09 6.06 0.77
C ILE A 21 -2.57 5.94 0.41
N PHE A 22 -3.40 5.66 1.41
CA PHE A 22 -4.84 5.52 1.20
C PHE A 22 -5.63 6.35 2.21
N ARG A 23 -6.64 7.05 1.73
CA ARG A 23 -7.47 7.89 2.58
C ARG A 23 -7.91 7.13 3.82
N HIS A 24 -8.67 6.05 3.61
CA HIS A 24 -9.15 5.23 4.71
C HIS A 24 -8.67 3.79 4.57
N SER A 25 -8.77 3.02 5.66
CA SER A 25 -8.33 1.63 5.66
C SER A 25 -8.96 0.87 4.50
N SER A 26 -10.29 0.84 4.47
CA SER A 26 -11.01 0.13 3.42
C SER A 26 -10.26 0.20 2.11
N LEU A 27 -9.90 1.41 1.68
CA LEU A 27 -9.17 1.62 0.44
C LEU A 27 -7.93 0.74 0.39
N LEU A 28 -7.11 0.81 1.44
CA LEU A 28 -5.89 0.02 1.52
C LEU A 28 -6.21 -1.47 1.58
N ILE A 29 -7.32 -1.80 2.22
CA ILE A 29 -7.74 -3.20 2.34
C ILE A 29 -7.97 -3.82 0.97
N GLU A 30 -8.60 -3.07 0.08
CA GLU A 30 -8.89 -3.54 -1.27
C GLU A 30 -7.61 -3.64 -2.09
N HIS A 31 -6.69 -2.72 -1.83
CA HIS A 31 -5.42 -2.69 -2.56
C HIS A 31 -4.53 -3.85 -2.14
N GLN A 32 -4.39 -4.04 -0.83
CA GLN A 32 -3.56 -5.11 -0.29
C GLN A 32 -3.87 -6.43 -0.99
N ALA A 33 -5.15 -6.71 -1.18
CA ALA A 33 -5.58 -7.95 -1.82
C ALA A 33 -4.75 -8.21 -3.08
N LEU A 34 -4.41 -7.15 -3.80
CA LEU A 34 -3.63 -7.28 -5.02
C LEU A 34 -2.30 -7.98 -4.75
N HIS A 35 -1.67 -7.65 -3.62
CA HIS A 35 -0.41 -8.26 -3.25
C HIS A 35 -0.57 -9.75 -2.98
N ALA A 36 -1.64 -10.11 -2.28
CA ALA A 36 -1.92 -11.51 -1.96
C ALA A 36 -2.60 -12.21 -3.13
N GLY A 37 -1.81 -12.54 -4.16
CA GLY A 37 -2.36 -13.20 -5.32
C GLY A 37 -1.31 -14.02 -6.06
N GLU A 38 -0.47 -14.71 -5.31
CA GLU A 38 0.58 -15.54 -5.90
C GLU A 38 0.76 -16.84 -5.13
N SER A 39 0.72 -17.96 -5.85
CA SER A 39 0.87 -19.27 -5.24
C SER A 39 2.02 -19.26 -4.22
N GLY A 40 1.75 -19.76 -3.02
CA GLY A 40 2.78 -19.81 -1.99
C GLY A 40 3.94 -20.69 -2.37
N PRO A 41 4.69 -21.17 -1.36
CA PRO A 41 5.85 -22.02 -1.57
C PRO A 41 5.47 -23.41 -2.07
N SER A 42 5.32 -23.56 -3.38
CA SER A 42 4.95 -24.84 -3.97
C SER A 42 3.95 -25.57 -3.08
N SER A 43 2.89 -24.88 -2.69
CA SER A 43 1.86 -25.47 -1.83
C SER A 43 0.64 -25.89 -2.65
N GLY A 44 0.21 -27.13 -2.47
CA GLY A 44 -0.94 -27.62 -3.20
C GLY A 44 -0.75 -29.05 -3.69
ZN ZN B . 0.67 -2.28 -1.84
#